data_7YLB
#
_entry.id   7YLB
#
_cell.length_a   143.081
_cell.length_b   48.458
_cell.length_c   143.247
_cell.angle_alpha   90.000
_cell.angle_beta   105.160
_cell.angle_gamma   90.000
#
_symmetry.space_group_name_H-M   'P 1 21 1'
#
loop_
_entity.id
_entity.type
_entity.pdbx_description
1 polymer Nucleoprotein
2 polymer NC2
3 non-polymer 'SULFATE ION'
#
loop_
_entity_poly.entity_id
_entity_poly.type
_entity_poly.pdbx_seq_one_letter_code
_entity_poly.pdbx_strand_id
1 'polypeptide(L)'
;GSGTTKKSAAEASKKPRQKRTATKAYNVTQAFGRRGPEQTQGNFGDQELIRQGTDYKHWPQIAQFAPSASAFFGMSRIGM
EVTPSGTWLTYTGAIKLDDKDPNFKDQVILLNKHIDAYKTFP
;
C,D,A,B,G,H,J,K
2 'polypeptide(L)'
;GSDVPRDLEVVVATPTSHLISWPNLWYKVRYYRITYGETGGNSPVQEFTVPGSKSTATISGLKPGVDYTITVYAVTKRSF
WSNSAGPISINYRT
;
F,E,I,L
#
loop_
_chem_comp.id
_chem_comp.type
_chem_comp.name
_chem_comp.formula
SO4 non-polymer 'SULFATE ION' 'O4 S -2'
#
# COMPACT_ATOMS: atom_id res chain seq x y z
N LYS A 14 16.27 -22.67 14.56
CA LYS A 14 17.09 -23.25 15.67
C LYS A 14 17.65 -24.61 15.26
N LYS A 15 16.74 -25.57 14.96
CA LYS A 15 17.10 -26.93 14.60
C LYS A 15 17.70 -26.92 13.19
N PRO A 16 18.57 -27.89 12.83
CA PRO A 16 19.03 -27.99 11.44
C PRO A 16 17.82 -28.35 10.57
N ARG A 17 17.78 -27.79 9.36
CA ARG A 17 16.66 -27.90 8.44
C ARG A 17 15.97 -29.26 8.58
N GLN A 18 16.76 -30.35 8.50
CA GLN A 18 16.18 -31.66 8.20
C GLN A 18 15.44 -32.18 9.43
N LYS A 19 15.52 -31.45 10.54
CA LYS A 19 15.01 -31.97 11.80
C LYS A 19 13.87 -31.07 12.24
N ARG A 20 13.53 -30.11 11.37
CA ARG A 20 12.59 -29.06 11.71
C ARG A 20 11.19 -29.65 11.63
N THR A 21 10.31 -29.17 12.50
CA THR A 21 8.90 -29.53 12.47
C THR A 21 8.07 -28.31 12.13
N ALA A 22 7.31 -28.40 11.05
CA ALA A 22 6.44 -27.32 10.62
C ALA A 22 5.12 -27.40 11.37
N THR A 23 4.68 -26.27 11.93
CA THR A 23 3.46 -26.18 12.71
C THR A 23 2.68 -24.93 12.30
N LYS A 24 1.61 -24.65 13.06
CA LYS A 24 0.84 -23.43 12.94
C LYS A 24 1.72 -22.20 13.19
N ALA A 25 2.54 -22.24 14.24
CA ALA A 25 3.43 -21.13 14.53
C ALA A 25 4.52 -21.02 13.47
N TYR A 26 5.11 -22.16 13.09
CA TYR A 26 6.31 -22.15 12.27
C TYR A 26 5.94 -22.80 10.94
N ASN A 27 5.49 -21.97 9.99
CA ASN A 27 4.91 -22.46 8.75
C ASN A 27 5.94 -23.25 7.90
N VAL A 28 5.46 -23.92 6.83
CA VAL A 28 6.28 -24.70 5.93
C VAL A 28 7.19 -23.74 5.16
N THR A 29 6.72 -22.50 4.90
CA THR A 29 7.51 -21.56 4.12
C THR A 29 8.69 -21.06 4.93
N GLN A 30 8.46 -20.74 6.21
CA GLN A 30 9.48 -20.33 7.17
C GLN A 30 10.48 -21.46 7.37
N ALA A 31 10.01 -22.71 7.49
CA ALA A 31 10.91 -23.79 7.86
C ALA A 31 11.67 -24.34 6.65
N PHE A 32 10.99 -24.42 5.49
CA PHE A 32 11.47 -25.21 4.37
C PHE A 32 11.58 -24.36 3.10
N GLY A 33 11.19 -23.07 3.20
CA GLY A 33 11.23 -22.16 2.08
C GLY A 33 9.96 -22.28 1.25
N ARG A 34 9.78 -21.30 0.36
CA ARG A 34 8.70 -21.25 -0.60
C ARG A 34 8.67 -22.55 -1.42
N ARG A 35 7.45 -22.92 -1.86
CA ARG A 35 7.25 -24.00 -2.79
C ARG A 35 7.73 -23.51 -4.14
N GLY A 36 8.29 -24.37 -5.00
CA GLY A 36 8.93 -23.84 -6.21
C GLY A 36 9.35 -24.93 -7.21
N PRO A 37 9.70 -24.54 -8.46
CA PRO A 37 10.10 -25.53 -9.45
C PRO A 37 11.57 -25.94 -9.39
N GLU A 38 12.35 -25.24 -8.58
CA GLU A 38 13.79 -25.50 -8.53
C GLU A 38 14.14 -26.82 -7.81
N GLN A 39 15.23 -27.43 -8.32
CA GLN A 39 15.66 -28.74 -7.82
C GLN A 39 15.82 -28.68 -6.30
N THR A 40 16.22 -27.53 -5.76
CA THR A 40 16.54 -27.44 -4.35
C THR A 40 15.41 -26.79 -3.52
N GLN A 41 14.20 -26.72 -4.07
CA GLN A 41 13.00 -26.17 -3.46
C GLN A 41 11.99 -27.29 -3.22
N GLY A 42 11.27 -27.24 -2.11
CA GLY A 42 10.20 -28.21 -1.91
C GLY A 42 9.11 -27.93 -2.94
N ASN A 43 8.37 -28.96 -3.40
CA ASN A 43 7.25 -28.77 -4.30
C ASN A 43 5.92 -29.18 -3.66
N PHE A 44 5.94 -29.78 -2.48
CA PHE A 44 4.77 -30.39 -1.88
C PHE A 44 4.05 -29.43 -0.93
N GLY A 45 2.73 -29.30 -1.14
CA GLY A 45 1.83 -28.72 -0.16
C GLY A 45 0.87 -27.71 -0.77
N ASP A 46 -0.42 -27.87 -0.45
CA ASP A 46 -1.43 -26.89 -0.81
C ASP A 46 -1.37 -25.74 0.20
N GLN A 47 -2.22 -24.72 0.02
CA GLN A 47 -2.16 -23.53 0.89
C GLN A 47 -2.36 -23.96 2.34
N GLU A 48 -3.32 -24.85 2.57
CA GLU A 48 -3.77 -25.31 3.87
C GLU A 48 -2.62 -26.03 4.57
N LEU A 49 -1.89 -26.87 3.84
CA LEU A 49 -0.80 -27.62 4.46
C LEU A 49 0.33 -26.68 4.84
N ILE A 50 0.69 -25.79 3.91
CA ILE A 50 1.76 -24.83 4.13
C ILE A 50 1.52 -24.10 5.45
N ARG A 51 0.25 -23.85 5.77
CA ARG A 51 -0.19 -23.00 6.87
C ARG A 51 -0.31 -23.79 8.18
N GLN A 52 -0.48 -25.12 8.15
CA GLN A 52 -0.73 -25.91 9.35
C GLN A 52 0.36 -26.94 9.68
N GLY A 53 1.16 -27.35 8.69
CA GLY A 53 2.26 -28.26 8.93
C GLY A 53 1.75 -29.55 9.57
N THR A 54 2.41 -29.97 10.65
CA THR A 54 2.04 -31.20 11.32
C THR A 54 0.71 -31.08 12.06
N ASP A 55 0.13 -29.85 12.09
CA ASP A 55 -1.14 -29.62 12.73
C ASP A 55 -2.26 -29.88 11.72
N TYR A 56 -1.88 -30.07 10.45
CA TYR A 56 -2.80 -30.29 9.34
C TYR A 56 -3.70 -31.49 9.65
N LYS A 57 -4.99 -31.34 9.32
CA LYS A 57 -5.99 -32.31 9.73
C LYS A 57 -5.60 -33.70 9.21
N HIS A 58 -5.07 -33.71 7.97
CA HIS A 58 -4.74 -34.95 7.27
C HIS A 58 -3.24 -35.22 7.23
N TRP A 59 -2.50 -34.78 8.26
CA TRP A 59 -1.08 -35.08 8.40
C TRP A 59 -0.75 -36.58 8.57
N PRO A 60 -1.36 -37.37 9.51
CA PRO A 60 -0.98 -38.78 9.65
C PRO A 60 -1.25 -39.67 8.42
N GLN A 61 -2.16 -39.24 7.53
CA GLN A 61 -2.41 -39.94 6.29
C GLN A 61 -1.21 -39.71 5.34
N ILE A 62 -0.53 -38.56 5.52
CA ILE A 62 0.60 -38.16 4.71
C ILE A 62 1.89 -38.68 5.35
N ALA A 63 1.92 -38.65 6.69
CA ALA A 63 3.10 -39.02 7.48
C ALA A 63 3.39 -40.52 7.45
N GLN A 64 2.40 -41.35 7.11
CA GLN A 64 2.61 -42.79 7.19
C GLN A 64 3.56 -43.21 6.08
N PHE A 65 3.85 -42.28 5.16
CA PHE A 65 4.65 -42.56 4.00
C PHE A 65 6.08 -42.07 4.24
N ALA A 66 6.32 -41.32 5.35
CA ALA A 66 7.65 -40.75 5.62
C ALA A 66 8.55 -41.77 6.27
N PRO A 67 9.77 -41.99 5.75
CA PRO A 67 10.64 -43.06 6.25
C PRO A 67 11.14 -42.79 7.66
N SER A 68 11.43 -43.85 8.41
CA SER A 68 12.27 -43.80 9.59
C SER A 68 13.72 -43.65 9.15
N ALA A 69 14.58 -43.18 10.07
CA ALA A 69 16.00 -42.98 9.87
C ALA A 69 16.60 -44.23 9.21
N SER A 70 16.35 -45.38 9.84
CA SER A 70 16.85 -46.62 9.31
C SER A 70 16.45 -46.77 7.85
N ALA A 71 15.17 -46.49 7.55
CA ALA A 71 14.60 -46.81 6.24
C ALA A 71 15.04 -45.75 5.24
N PHE A 72 15.24 -44.55 5.78
CA PHE A 72 15.84 -43.49 5.00
C PHE A 72 17.18 -43.98 4.47
N PHE A 73 18.02 -44.60 5.35
CA PHE A 73 19.38 -44.97 4.95
C PHE A 73 19.44 -46.32 4.25
N GLY A 74 18.38 -47.13 4.41
CA GLY A 74 18.30 -48.47 3.82
C GLY A 74 17.68 -48.49 2.44
N MET A 75 16.69 -47.63 2.21
CA MET A 75 16.00 -47.69 0.93
C MET A 75 16.67 -46.74 -0.07
N SER A 76 17.14 -45.57 0.38
CA SER A 76 17.41 -44.51 -0.58
C SER A 76 18.73 -44.73 -1.33
N ARG A 77 19.00 -43.82 -2.25
CA ARG A 77 20.30 -43.71 -2.86
C ARG A 77 20.95 -42.46 -2.30
N ILE A 78 22.09 -42.62 -1.64
CA ILE A 78 22.73 -41.53 -0.92
C ILE A 78 24.02 -41.13 -1.64
N GLY A 79 24.15 -39.84 -1.99
CA GLY A 79 25.40 -39.32 -2.50
C GLY A 79 26.04 -38.25 -1.62
N MET A 80 27.27 -37.89 -1.99
CA MET A 80 27.89 -36.73 -1.39
C MET A 80 28.35 -35.75 -2.47
N GLU A 81 28.06 -34.44 -2.31
CA GLU A 81 28.52 -33.46 -3.29
C GLU A 81 29.21 -32.29 -2.59
N VAL A 82 30.38 -31.92 -3.14
CA VAL A 82 31.29 -30.94 -2.54
C VAL A 82 31.53 -29.83 -3.55
N THR A 83 31.30 -28.59 -3.10
CA THR A 83 31.54 -27.37 -3.87
C THR A 83 31.79 -26.21 -2.90
N PRO A 84 31.89 -24.94 -3.38
CA PRO A 84 31.87 -23.76 -2.51
C PRO A 84 30.66 -23.62 -1.57
N SER A 85 29.45 -23.70 -2.11
CA SER A 85 28.29 -23.58 -1.23
C SER A 85 28.47 -24.49 -0.02
N GLY A 86 29.23 -25.58 -0.19
CA GLY A 86 29.54 -26.51 0.89
C GLY A 86 29.47 -28.00 0.51
N THR A 87 28.94 -28.82 1.44
CA THR A 87 28.94 -30.27 1.33
C THR A 87 27.50 -30.74 1.48
N TRP A 88 27.01 -31.35 0.41
CA TRP A 88 25.61 -31.76 0.36
C TRP A 88 25.55 -33.29 0.34
N LEU A 89 24.72 -33.83 1.22
CA LEU A 89 24.35 -35.24 1.23
C LEU A 89 23.04 -35.36 0.46
N THR A 90 23.10 -36.06 -0.70
CA THR A 90 21.98 -36.22 -1.62
C THR A 90 21.26 -37.54 -1.31
N TYR A 91 19.94 -37.51 -1.50
CA TYR A 91 19.12 -38.68 -1.26
C TYR A 91 18.09 -38.75 -2.37
N THR A 92 17.79 -39.98 -2.80
CA THR A 92 16.93 -40.26 -3.93
C THR A 92 16.30 -41.62 -3.69
N GLY A 93 14.98 -41.71 -3.68
CA GLY A 93 14.37 -43.02 -3.49
C GLY A 93 12.91 -43.01 -3.89
N ALA A 94 12.22 -44.11 -3.58
CA ALA A 94 10.82 -44.25 -3.95
C ALA A 94 10.15 -45.25 -3.01
N ILE A 95 8.99 -44.87 -2.46
CA ILE A 95 8.24 -45.65 -1.50
C ILE A 95 7.03 -46.25 -2.22
N LYS A 96 6.92 -47.59 -2.20
CA LYS A 96 5.91 -48.25 -3.01
C LYS A 96 4.61 -48.24 -2.25
N LEU A 97 3.56 -47.69 -2.86
CA LEU A 97 2.22 -47.72 -2.30
C LEU A 97 1.65 -49.14 -2.45
N ASP A 98 0.85 -49.55 -1.46
CA ASP A 98 0.21 -50.86 -1.40
C ASP A 98 -1.20 -50.78 -2.00
N ASP A 99 -1.38 -51.37 -3.18
CA ASP A 99 -2.63 -51.16 -3.88
C ASP A 99 -3.71 -52.14 -3.43
N LYS A 100 -3.43 -53.03 -2.47
CA LYS A 100 -4.52 -53.82 -1.92
C LYS A 100 -5.21 -53.00 -0.82
N ASP A 101 -4.43 -52.15 -0.13
CA ASP A 101 -4.89 -51.27 0.94
C ASP A 101 -6.27 -50.68 0.58
N PRO A 102 -7.32 -50.94 1.39
CA PRO A 102 -8.62 -50.29 1.20
C PRO A 102 -8.54 -48.78 0.96
N ASN A 103 -7.52 -48.11 1.53
CA ASN A 103 -7.47 -46.66 1.49
C ASN A 103 -6.57 -46.13 0.37
N PHE A 104 -6.09 -47.05 -0.48
CA PHE A 104 -5.17 -46.77 -1.58
C PHE A 104 -5.62 -45.53 -2.34
N LYS A 105 -6.82 -45.57 -2.94
CA LYS A 105 -7.34 -44.45 -3.73
C LYS A 105 -7.20 -43.12 -2.99
N ASP A 106 -7.66 -43.05 -1.74
CA ASP A 106 -7.65 -41.78 -1.02
C ASP A 106 -6.22 -41.38 -0.68
N GLN A 107 -5.32 -42.35 -0.50
CA GLN A 107 -3.92 -42.03 -0.31
C GLN A 107 -3.41 -41.33 -1.56
N VAL A 108 -3.80 -41.88 -2.73
CA VAL A 108 -3.26 -41.33 -3.96
C VAL A 108 -3.77 -39.89 -4.13
N ILE A 109 -5.10 -39.72 -4.11
CA ILE A 109 -5.70 -38.43 -4.39
C ILE A 109 -5.20 -37.40 -3.37
N LEU A 110 -4.94 -37.84 -2.12
CA LEU A 110 -4.44 -36.92 -1.10
C LEU A 110 -3.03 -36.44 -1.46
N LEU A 111 -2.15 -37.35 -1.91
CA LEU A 111 -0.79 -37.01 -2.28
C LEU A 111 -0.76 -36.12 -3.52
N ASN A 112 -1.58 -36.48 -4.52
CA ASN A 112 -1.60 -35.77 -5.79
C ASN A 112 -2.08 -34.34 -5.64
N LYS A 113 -2.95 -34.10 -4.65
CA LYS A 113 -3.49 -32.77 -4.38
C LYS A 113 -2.38 -31.88 -3.83
N HIS A 114 -1.43 -32.46 -3.10
CA HIS A 114 -0.36 -31.70 -2.47
C HIS A 114 0.82 -31.46 -3.41
N ILE A 115 1.10 -32.43 -4.29
CA ILE A 115 2.19 -32.33 -5.27
C ILE A 115 1.86 -31.26 -6.31
N ASP A 116 2.77 -30.29 -6.47
CA ASP A 116 2.63 -29.23 -7.49
C ASP A 116 1.46 -28.29 -7.22
N ALA A 117 0.83 -28.37 -6.05
CA ALA A 117 -0.24 -27.45 -5.65
C ALA A 117 0.10 -25.97 -5.90
N TYR A 118 1.32 -25.55 -5.52
CA TYR A 118 1.70 -24.13 -5.53
C TYR A 118 1.47 -23.54 -6.92
N LYS A 119 1.49 -24.39 -7.96
CA LYS A 119 1.46 -23.87 -9.32
C LYS A 119 0.10 -23.20 -9.61
N THR A 120 -0.87 -23.41 -8.72
CA THR A 120 -2.24 -22.95 -8.96
C THR A 120 -2.68 -22.04 -7.82
N PHE A 121 -1.76 -21.19 -7.33
CA PHE A 121 -2.09 -20.26 -6.25
C PHE A 121 -1.00 -19.19 -6.09
N ALA B 9 12.13 -61.09 13.60
CA ALA B 9 12.19 -61.20 12.10
C ALA B 9 10.79 -61.32 11.50
N ALA B 10 9.82 -61.74 12.33
CA ALA B 10 8.45 -61.98 11.88
C ALA B 10 7.57 -60.76 12.14
N GLU B 11 7.88 -60.02 13.21
CA GLU B 11 7.07 -58.90 13.69
C GLU B 11 7.60 -57.57 13.14
N ALA B 12 8.93 -57.51 12.95
CA ALA B 12 9.60 -56.32 12.46
C ALA B 12 9.41 -56.21 10.94
N SER B 13 8.80 -57.25 10.34
CA SER B 13 8.58 -57.35 8.91
C SER B 13 7.18 -56.88 8.52
N LYS B 14 6.20 -57.03 9.41
CA LYS B 14 4.80 -56.79 9.07
C LYS B 14 4.59 -55.30 8.77
N LYS B 15 5.41 -54.45 9.43
CA LYS B 15 5.44 -53.02 9.16
C LYS B 15 5.68 -52.77 7.67
N PRO B 16 5.01 -51.74 7.08
CA PRO B 16 5.30 -51.32 5.71
C PRO B 16 6.77 -50.92 5.65
N ARG B 17 7.41 -51.11 4.49
CA ARG B 17 8.86 -51.02 4.30
C ARG B 17 9.44 -49.76 4.95
N GLN B 18 8.77 -48.62 4.76
CA GLN B 18 9.33 -47.33 5.14
C GLN B 18 9.19 -47.09 6.64
N LYS B 19 8.54 -48.00 7.39
CA LYS B 19 8.51 -47.85 8.85
C LYS B 19 9.34 -48.93 9.55
N ARG B 20 10.19 -49.64 8.80
CA ARG B 20 10.96 -50.74 9.38
C ARG B 20 12.24 -50.19 10.01
N THR B 21 12.66 -50.84 11.10
CA THR B 21 13.86 -50.50 11.84
C THR B 21 14.86 -51.63 11.71
N ALA B 22 16.05 -51.34 11.17
CA ALA B 22 17.00 -52.41 10.96
C ALA B 22 17.85 -52.60 12.22
N THR B 23 17.87 -53.84 12.74
CA THR B 23 18.63 -54.26 13.92
C THR B 23 19.55 -55.44 13.56
N LYS B 24 20.33 -55.96 14.53
CA LYS B 24 21.10 -57.19 14.34
C LYS B 24 20.16 -58.35 13.99
N ALA B 25 18.94 -58.34 14.55
CA ALA B 25 18.01 -59.45 14.41
C ALA B 25 17.32 -59.38 13.05
N TYR B 26 17.03 -58.14 12.62
CA TYR B 26 16.36 -57.85 11.37
C TYR B 26 17.26 -56.89 10.62
N ASN B 27 18.04 -57.43 9.67
CA ASN B 27 19.14 -56.61 9.21
C ASN B 27 18.75 -55.73 8.01
N VAL B 28 19.71 -54.91 7.54
CA VAL B 28 19.47 -53.99 6.44
C VAL B 28 19.08 -54.76 5.19
N THR B 29 19.76 -55.88 4.88
CA THR B 29 19.35 -56.69 3.74
C THR B 29 17.98 -57.30 3.97
N GLN B 30 17.62 -57.59 5.21
CA GLN B 30 16.34 -58.27 5.39
C GLN B 30 15.28 -57.19 5.32
N ALA B 31 15.58 -56.05 5.94
CA ALA B 31 14.59 -54.99 6.01
C ALA B 31 14.36 -54.34 4.65
N PHE B 32 15.43 -54.12 3.88
CA PHE B 32 15.45 -53.13 2.80
C PHE B 32 16.05 -53.71 1.52
N GLY B 33 16.29 -55.02 1.49
CA GLY B 33 16.85 -55.66 0.32
C GLY B 33 18.33 -55.36 0.14
N ARG B 34 18.93 -56.01 -0.85
CA ARG B 34 20.32 -55.87 -1.23
C ARG B 34 20.63 -54.44 -1.64
N ARG B 35 21.84 -53.98 -1.29
CA ARG B 35 22.53 -52.90 -1.98
C ARG B 35 22.71 -53.30 -3.45
N GLY B 36 22.58 -52.29 -4.34
CA GLY B 36 22.43 -52.53 -5.76
C GLY B 36 22.50 -51.23 -6.56
N PRO B 37 22.71 -51.30 -7.89
CA PRO B 37 22.67 -50.11 -8.74
C PRO B 37 21.27 -49.74 -9.25
N GLU B 38 20.28 -50.57 -9.01
CA GLU B 38 18.96 -50.35 -9.61
C GLU B 38 18.23 -49.17 -8.97
N GLN B 39 17.40 -48.49 -9.78
CA GLN B 39 16.76 -47.25 -9.35
C GLN B 39 15.96 -47.40 -8.03
N THR B 40 15.52 -48.60 -7.68
CA THR B 40 14.68 -48.75 -6.49
C THR B 40 15.40 -49.53 -5.40
N GLN B 41 16.69 -49.83 -5.59
CA GLN B 41 17.56 -50.38 -4.56
C GLN B 41 18.28 -49.29 -3.77
N GLY B 42 18.63 -49.59 -2.52
CA GLY B 42 19.43 -48.71 -1.68
C GLY B 42 20.88 -48.91 -2.04
N ASN B 43 21.77 -47.98 -1.61
CA ASN B 43 23.19 -48.16 -1.85
C ASN B 43 24.09 -47.71 -0.70
N PHE B 44 23.50 -47.44 0.47
CA PHE B 44 24.24 -46.99 1.63
C PHE B 44 24.55 -48.18 2.56
N GLY B 45 25.69 -48.12 3.28
CA GLY B 45 26.06 -49.14 4.27
C GLY B 45 27.24 -50.03 3.82
N ASP B 46 28.34 -49.97 4.58
CA ASP B 46 29.34 -51.03 4.62
C ASP B 46 28.74 -52.31 5.25
N GLN B 47 29.57 -53.36 5.39
CA GLN B 47 29.12 -54.67 5.84
C GLN B 47 28.71 -54.63 7.31
N GLU B 48 29.42 -53.83 8.10
CA GLU B 48 29.08 -53.79 9.52
C GLU B 48 27.72 -53.12 9.72
N LEU B 49 27.52 -51.93 9.12
CA LEU B 49 26.24 -51.24 9.16
C LEU B 49 25.12 -52.13 8.61
N ILE B 50 25.36 -52.77 7.46
CA ILE B 50 24.37 -53.63 6.87
C ILE B 50 23.95 -54.70 7.89
N ARG B 51 24.92 -55.27 8.60
CA ARG B 51 24.67 -56.42 9.45
C ARG B 51 24.03 -55.94 10.75
N GLN B 52 24.32 -54.69 11.15
CA GLN B 52 23.97 -54.25 12.49
C GLN B 52 22.75 -53.32 12.52
N GLY B 53 22.44 -52.64 11.39
CA GLY B 53 21.28 -51.79 11.35
C GLY B 53 21.41 -50.71 12.43
N THR B 54 20.36 -50.51 13.24
CA THR B 54 20.45 -49.42 14.18
C THR B 54 21.23 -49.77 15.42
N ASP B 55 21.87 -50.95 15.46
CA ASP B 55 22.72 -51.34 16.59
C ASP B 55 24.17 -50.89 16.33
N TYR B 56 24.45 -50.48 15.09
CA TYR B 56 25.76 -49.94 14.76
C TYR B 56 26.12 -48.91 15.83
N LYS B 57 27.36 -48.99 16.33
CA LYS B 57 27.93 -48.10 17.32
C LYS B 57 27.70 -46.63 16.94
N HIS B 58 27.84 -46.30 15.65
CA HIS B 58 27.72 -44.92 15.21
C HIS B 58 26.42 -44.65 14.47
N TRP B 59 25.32 -45.25 14.91
CA TRP B 59 24.07 -45.02 14.21
C TRP B 59 23.59 -43.59 14.42
N PRO B 60 23.56 -43.06 15.66
CA PRO B 60 23.03 -41.71 15.92
C PRO B 60 23.74 -40.63 15.12
N GLN B 61 25.00 -40.92 14.76
CA GLN B 61 25.85 -40.01 13.99
C GLN B 61 25.48 -40.07 12.51
N ILE B 62 24.81 -41.14 12.07
CA ILE B 62 24.17 -41.22 10.76
C ILE B 62 22.70 -40.75 10.84
N ALA B 63 21.94 -41.28 11.81
CA ALA B 63 20.58 -40.82 12.18
C ALA B 63 20.37 -39.31 12.08
N GLN B 64 21.31 -38.49 12.55
CA GLN B 64 21.12 -37.04 12.64
C GLN B 64 20.92 -36.40 11.27
N PHE B 65 21.17 -37.12 10.18
CA PHE B 65 20.99 -36.57 8.85
C PHE B 65 19.66 -37.07 8.27
N ALA B 66 19.01 -38.00 8.96
CA ALA B 66 17.70 -38.49 8.51
C ALA B 66 16.69 -37.37 8.71
N PRO B 67 15.78 -37.15 7.74
CA PRO B 67 14.74 -36.13 7.88
C PRO B 67 13.59 -36.53 8.79
N SER B 68 13.07 -35.60 9.60
CA SER B 68 11.76 -35.78 10.24
C SER B 68 10.67 -35.93 9.17
N ALA B 69 9.43 -36.26 9.59
CA ALA B 69 8.38 -36.44 8.59
C ALA B 69 8.08 -35.11 7.89
N SER B 70 7.97 -34.06 8.70
CA SER B 70 7.74 -32.69 8.25
C SER B 70 8.80 -32.34 7.21
N ALA B 71 10.06 -32.57 7.56
CA ALA B 71 11.17 -32.25 6.68
C ALA B 71 11.14 -33.12 5.43
N PHE B 72 10.80 -34.40 5.58
CA PHE B 72 10.72 -35.26 4.42
C PHE B 72 9.83 -34.59 3.37
N PHE B 73 8.67 -34.07 3.83
CA PHE B 73 7.69 -33.54 2.89
C PHE B 73 7.96 -32.08 2.52
N GLY B 74 8.73 -31.37 3.37
CA GLY B 74 8.99 -29.94 3.23
C GLY B 74 10.13 -29.63 2.26
N MET B 75 11.15 -30.49 2.29
CA MET B 75 12.38 -30.24 1.58
C MET B 75 12.33 -30.83 0.18
N SER B 76 11.80 -32.04 0.05
CA SER B 76 12.10 -32.92 -1.08
C SER B 76 11.38 -32.46 -2.34
N ARG B 77 11.93 -32.77 -3.52
CA ARG B 77 11.11 -32.91 -4.72
C ARG B 77 10.32 -34.23 -4.69
N ILE B 78 8.99 -34.12 -4.50
CA ILE B 78 8.05 -35.19 -4.25
C ILE B 78 7.33 -35.49 -5.56
N GLY B 79 7.09 -36.80 -5.80
CA GLY B 79 6.59 -37.22 -7.10
C GLY B 79 5.79 -38.52 -7.01
N MET B 80 5.07 -38.80 -8.10
CA MET B 80 4.27 -39.99 -8.21
C MET B 80 4.69 -40.66 -9.51
N GLU B 81 4.71 -41.99 -9.48
CA GLU B 81 5.09 -42.79 -10.63
C GLU B 81 4.12 -43.97 -10.69
N VAL B 82 3.47 -44.11 -11.85
CA VAL B 82 2.54 -45.20 -12.05
C VAL B 82 3.06 -46.11 -13.18
N THR B 83 3.46 -47.33 -12.80
CA THR B 83 4.15 -48.27 -13.68
C THR B 83 3.51 -49.64 -13.49
N PRO B 84 3.69 -50.63 -14.40
CA PRO B 84 3.23 -52.00 -14.15
C PRO B 84 3.72 -52.56 -12.80
N SER B 85 4.93 -52.20 -12.36
CA SER B 85 5.42 -52.63 -11.07
C SER B 85 4.59 -52.00 -9.92
N GLY B 86 3.62 -51.13 -10.25
CA GLY B 86 2.80 -50.45 -9.25
C GLY B 86 3.02 -48.93 -9.16
N THR B 87 2.42 -48.33 -8.11
CA THR B 87 2.38 -46.88 -7.90
C THR B 87 3.39 -46.45 -6.84
N TRP B 88 4.20 -45.42 -7.15
CA TRP B 88 5.28 -45.05 -6.25
C TRP B 88 5.28 -43.56 -5.92
N LEU B 89 5.62 -43.26 -4.67
CA LEU B 89 5.89 -41.92 -4.17
C LEU B 89 7.39 -41.71 -4.33
N THR B 90 7.77 -40.75 -5.15
CA THR B 90 9.17 -40.51 -5.38
C THR B 90 9.63 -39.33 -4.54
N TYR B 91 10.92 -39.35 -4.15
CA TYR B 91 11.52 -38.27 -3.36
C TYR B 91 12.99 -38.12 -3.73
N THR B 92 13.45 -36.86 -3.82
CA THR B 92 14.85 -36.46 -3.84
C THR B 92 15.01 -35.12 -3.11
N GLY B 93 16.22 -34.94 -2.57
CA GLY B 93 16.65 -33.66 -2.05
C GLY B 93 18.13 -33.71 -1.73
N ALA B 94 18.54 -32.73 -0.90
CA ALA B 94 19.88 -32.40 -0.50
C ALA B 94 19.82 -31.76 0.90
N ILE B 95 20.73 -32.23 1.75
CA ILE B 95 20.90 -31.81 3.13
C ILE B 95 22.34 -31.30 3.22
N LYS B 96 22.44 -30.03 3.65
CA LYS B 96 23.69 -29.32 3.83
C LYS B 96 24.27 -29.70 5.19
N LEU B 97 25.50 -30.22 5.16
CA LEU B 97 26.26 -30.43 6.39
C LEU B 97 26.71 -29.07 6.91
N ASP B 98 26.67 -28.91 8.24
CA ASP B 98 27.13 -27.66 8.83
C ASP B 98 28.66 -27.71 8.96
N ASP B 99 29.40 -26.95 8.16
CA ASP B 99 30.85 -27.13 8.25
C ASP B 99 31.44 -26.29 9.37
N LYS B 100 30.58 -25.55 10.09
CA LYS B 100 30.92 -24.83 11.30
C LYS B 100 30.83 -25.75 12.53
N ASP B 101 30.19 -26.92 12.40
CA ASP B 101 30.12 -27.86 13.53
C ASP B 101 31.49 -28.53 13.74
N PRO B 102 31.94 -28.64 15.01
CA PRO B 102 33.16 -29.36 15.36
C PRO B 102 33.37 -30.78 14.83
N ASN B 103 32.30 -31.52 14.51
CA ASN B 103 32.38 -32.92 14.09
C ASN B 103 32.28 -33.10 12.57
N PHE B 104 32.20 -31.97 11.86
CA PHE B 104 32.15 -31.92 10.42
C PHE B 104 33.17 -32.84 9.74
N LYS B 105 34.48 -32.70 10.04
CA LYS B 105 35.45 -33.63 9.49
C LYS B 105 35.07 -35.09 9.75
N ASP B 106 34.58 -35.41 10.96
CA ASP B 106 34.21 -36.79 11.27
C ASP B 106 32.96 -37.22 10.50
N GLN B 107 31.95 -36.34 10.45
CA GLN B 107 30.71 -36.62 9.73
C GLN B 107 31.00 -37.10 8.30
N VAL B 108 31.84 -36.35 7.58
CA VAL B 108 32.26 -36.64 6.22
C VAL B 108 32.96 -37.99 6.16
N ILE B 109 33.83 -38.26 7.14
CA ILE B 109 34.62 -39.47 7.16
C ILE B 109 33.70 -40.67 7.36
N LEU B 110 32.75 -40.53 8.28
CA LEU B 110 31.85 -41.61 8.62
C LEU B 110 30.96 -41.91 7.39
N LEU B 111 30.41 -40.87 6.72
CA LEU B 111 29.39 -41.11 5.71
C LEU B 111 30.07 -41.65 4.44
N ASN B 112 31.32 -41.23 4.18
CA ASN B 112 32.10 -41.76 3.06
C ASN B 112 32.25 -43.27 3.16
N LYS B 113 32.52 -43.77 4.38
CA LYS B 113 32.69 -45.18 4.71
C LYS B 113 31.56 -46.01 4.09
N HIS B 114 30.36 -45.43 4.02
CA HIS B 114 29.14 -46.20 3.84
C HIS B 114 28.57 -46.05 2.44
N ILE B 115 28.72 -44.84 1.87
CA ILE B 115 28.16 -44.45 0.59
C ILE B 115 28.77 -45.32 -0.50
N ASP B 116 27.93 -46.11 -1.18
CA ASP B 116 28.40 -46.98 -2.25
C ASP B 116 29.45 -47.96 -1.73
N ALA B 117 29.44 -48.24 -0.42
CA ALA B 117 30.36 -49.24 0.11
C ALA B 117 30.34 -50.52 -0.73
N TYR B 118 29.14 -50.98 -1.10
CA TYR B 118 28.95 -52.33 -1.60
C TYR B 118 29.83 -52.61 -2.82
N LYS B 119 30.42 -51.57 -3.40
CA LYS B 119 31.07 -51.69 -4.69
C LYS B 119 32.52 -52.09 -4.49
N THR B 120 33.02 -51.93 -3.27
CA THR B 120 34.34 -52.43 -2.91
C THR B 120 34.26 -53.52 -1.83
N PHE B 121 33.15 -54.30 -1.79
CA PHE B 121 33.06 -55.45 -0.91
C PHE B 121 33.86 -56.59 -1.54
N PRO B 122 34.63 -57.34 -0.74
CA PRO B 122 35.48 -58.41 -1.28
C PRO B 122 34.66 -59.58 -1.84
N GLU C 9 21.33 -20.39 -3.73
CA GLU C 9 21.45 -21.21 -2.46
C GLU C 9 22.57 -22.22 -2.63
N VAL C 10 22.58 -22.89 -3.78
CA VAL C 10 23.57 -23.92 -4.06
C VAL C 10 24.50 -23.48 -5.19
N VAL C 11 24.05 -22.57 -6.04
CA VAL C 11 24.90 -22.06 -7.11
C VAL C 11 25.72 -20.90 -6.56
N VAL C 12 26.99 -20.93 -6.96
CA VAL C 12 27.94 -19.94 -6.54
C VAL C 12 28.62 -19.38 -7.79
N ALA C 13 28.95 -18.09 -7.70
CA ALA C 13 29.69 -17.34 -8.69
C ALA C 13 30.88 -16.68 -7.99
N THR C 14 32.02 -17.36 -8.02
CA THR C 14 33.21 -16.80 -7.41
C THR C 14 33.89 -15.89 -8.43
N PRO C 15 34.10 -14.60 -8.06
CA PRO C 15 34.74 -13.63 -8.96
C PRO C 15 36.17 -13.99 -9.32
N THR C 16 36.40 -14.10 -10.65
CA THR C 16 37.63 -14.29 -11.42
C THR C 16 37.36 -15.30 -12.53
N HIS C 18 34.31 -14.42 -14.04
CA HIS C 18 33.27 -15.13 -13.26
C HIS C 18 33.28 -16.66 -13.44
N LEU C 19 33.37 -17.41 -12.32
CA LEU C 19 33.39 -18.88 -12.29
C LEU C 19 32.16 -19.42 -11.55
N ILE C 20 31.26 -20.08 -12.31
CA ILE C 20 30.02 -20.65 -11.79
C ILE C 20 30.27 -22.10 -11.35
N SER C 21 29.67 -22.48 -10.21
CA SER C 21 29.83 -23.81 -9.64
C SER C 21 28.56 -24.23 -8.92
N TRP C 22 28.20 -25.52 -9.08
CA TRP C 22 26.96 -26.11 -8.58
C TRP C 22 27.17 -27.59 -8.19
N PRO C 23 26.48 -28.08 -7.14
CA PRO C 23 26.51 -29.51 -6.83
C PRO C 23 25.56 -30.28 -7.76
N ASN C 24 25.90 -31.53 -8.08
CA ASN C 24 25.06 -32.40 -8.90
C ASN C 24 23.90 -32.92 -8.04
N LEU C 25 22.67 -32.49 -8.32
CA LEU C 25 21.54 -32.96 -7.52
C LEU C 25 20.64 -33.87 -8.35
N TRP C 26 21.19 -34.42 -9.43
CA TRP C 26 20.31 -35.13 -10.34
C TRP C 26 20.79 -36.58 -10.44
N TYR C 27 19.87 -37.43 -10.90
CA TYR C 27 20.14 -38.82 -11.11
C TYR C 27 20.58 -39.03 -12.56
N LYS C 28 21.78 -39.59 -12.75
CA LYS C 28 22.28 -40.07 -14.04
C LYS C 28 22.28 -38.90 -15.00
N VAL C 29 23.14 -37.92 -14.70
CA VAL C 29 23.33 -36.72 -15.52
C VAL C 29 24.11 -37.09 -16.79
N ARG C 30 23.63 -36.63 -17.96
CA ARG C 30 24.38 -36.73 -19.20
C ARG C 30 25.25 -35.47 -19.41
N TYR C 31 24.59 -34.32 -19.59
CA TYR C 31 25.23 -33.01 -19.66
C TYR C 31 24.34 -31.95 -18.98
N TYR C 32 24.89 -30.74 -18.85
CA TYR C 32 24.13 -29.60 -18.36
C TYR C 32 23.88 -28.61 -19.48
N ARG C 33 22.83 -27.80 -19.31
CA ARG C 33 22.57 -26.66 -20.17
C ARG C 33 22.50 -25.40 -19.31
N ILE C 34 23.42 -24.47 -19.56
CA ILE C 34 23.46 -23.24 -18.80
C ILE C 34 22.88 -22.09 -19.64
N THR C 35 21.90 -21.37 -19.05
CA THR C 35 21.39 -20.15 -19.66
C THR C 35 21.85 -18.93 -18.85
N TYR C 36 21.99 -17.79 -19.55
CA TYR C 36 22.37 -16.51 -18.94
C TYR C 36 21.86 -15.34 -19.78
N GLY C 37 21.20 -14.41 -19.10
CA GLY C 37 21.01 -13.06 -19.61
C GLY C 37 20.62 -12.10 -18.49
N GLU C 38 20.29 -10.87 -18.89
CA GLU C 38 19.87 -9.84 -17.97
C GLU C 38 18.55 -10.26 -17.35
N THR C 39 18.47 -10.34 -16.00
CA THR C 39 17.18 -10.39 -15.33
C THR C 39 16.29 -9.26 -15.85
N GLY C 40 15.03 -9.56 -16.14
CA GLY C 40 14.19 -8.68 -16.94
C GLY C 40 14.63 -8.76 -18.40
N GLY C 41 14.97 -7.63 -19.02
CA GLY C 41 15.80 -7.64 -20.22
C GLY C 41 15.03 -8.02 -21.48
N ASN C 42 15.11 -7.14 -22.48
CA ASN C 42 14.44 -7.26 -23.76
C ASN C 42 15.33 -8.04 -24.73
N SER C 43 16.08 -9.02 -24.20
CA SER C 43 16.75 -10.03 -25.02
C SER C 43 16.37 -11.44 -24.56
N PRO C 44 16.43 -12.49 -25.43
CA PRO C 44 16.46 -13.88 -24.95
C PRO C 44 17.75 -14.22 -24.19
N VAL C 45 17.70 -15.28 -23.36
CA VAL C 45 18.84 -15.77 -22.62
C VAL C 45 19.80 -16.37 -23.65
N GLN C 46 21.07 -16.52 -23.28
CA GLN C 46 21.97 -17.29 -24.12
C GLN C 46 22.24 -18.61 -23.40
N GLU C 47 22.67 -19.59 -24.21
CA GLU C 47 22.61 -21.00 -23.86
C GLU C 47 23.90 -21.65 -24.33
N PHE C 48 24.62 -22.31 -23.39
CA PHE C 48 25.74 -23.16 -23.75
C PHE C 48 25.73 -24.43 -22.87
N THR C 49 26.43 -25.47 -23.32
CA THR C 49 26.37 -26.80 -22.74
C THR C 49 27.70 -27.12 -22.06
N VAL C 50 27.64 -27.89 -20.98
CA VAL C 50 28.79 -28.32 -20.21
C VAL C 50 28.70 -29.84 -20.05
N PRO C 51 29.82 -30.58 -20.26
CA PRO C 51 29.88 -32.03 -20.01
C PRO C 51 29.29 -32.41 -18.66
N GLY C 52 28.73 -33.63 -18.58
CA GLY C 52 28.14 -34.20 -17.39
C GLY C 52 29.12 -34.23 -16.22
N SER C 53 30.39 -34.47 -16.55
CA SER C 53 31.46 -34.69 -15.59
C SER C 53 31.87 -33.43 -14.83
N LYS C 54 31.81 -32.24 -15.46
CA LYS C 54 32.15 -31.01 -14.77
C LYS C 54 30.95 -30.50 -13.96
N SER C 55 31.20 -29.77 -12.87
CA SER C 55 30.15 -28.93 -12.32
C SER C 55 30.66 -27.52 -11.99
N THR C 56 31.40 -26.95 -12.95
CA THR C 56 31.74 -25.53 -12.99
C THR C 56 31.69 -25.04 -14.44
N ALA C 57 31.67 -23.71 -14.63
CA ALA C 57 31.65 -23.07 -15.93
C ALA C 57 32.04 -21.61 -15.77
N THR C 58 32.75 -21.05 -16.75
CA THR C 58 33.17 -19.66 -16.68
C THR C 58 32.26 -18.81 -17.55
N ILE C 59 31.85 -17.65 -17.02
CA ILE C 59 31.08 -16.68 -17.78
C ILE C 59 31.90 -15.40 -17.92
N SER C 60 32.25 -15.08 -19.19
CA SER C 60 32.97 -13.88 -19.58
C SER C 60 32.15 -13.04 -20.56
N GLY C 61 32.20 -11.71 -20.38
CA GLY C 61 31.41 -10.80 -21.19
C GLY C 61 30.58 -9.88 -20.30
N LEU C 62 29.27 -10.02 -20.37
CA LEU C 62 28.32 -9.38 -19.46
C LEU C 62 28.48 -7.86 -19.47
N LYS C 63 28.12 -7.25 -18.32
CA LYS C 63 28.26 -5.84 -18.04
C LYS C 63 28.13 -5.69 -16.52
N PRO C 64 28.90 -4.79 -15.87
CA PRO C 64 28.70 -4.52 -14.45
C PRO C 64 27.45 -3.67 -14.30
N GLY C 65 26.82 -3.68 -13.13
CA GLY C 65 25.70 -2.79 -12.86
C GLY C 65 24.33 -3.34 -13.27
N VAL C 66 24.28 -4.19 -14.30
CA VAL C 66 23.02 -4.88 -14.63
C VAL C 66 22.99 -6.26 -13.96
N ASP C 67 21.82 -6.64 -13.41
CA ASP C 67 21.60 -7.94 -12.80
C ASP C 67 21.66 -9.06 -13.84
N TYR C 68 22.19 -10.23 -13.44
CA TYR C 68 22.12 -11.42 -14.28
C TYR C 68 21.50 -12.59 -13.53
N THR C 69 20.91 -13.50 -14.34
CA THR C 69 20.33 -14.76 -13.95
C THR C 69 21.08 -15.86 -14.69
N ILE C 70 21.90 -16.63 -13.95
CA ILE C 70 22.51 -17.85 -14.44
C ILE C 70 21.65 -19.02 -13.99
N THR C 71 21.13 -19.80 -14.96
CA THR C 71 20.32 -20.99 -14.73
C THR C 71 21.07 -22.24 -15.24
N VAL C 72 21.08 -23.28 -14.39
CA VAL C 72 21.64 -24.58 -14.71
C VAL C 72 20.55 -25.65 -14.90
N TYR C 73 20.64 -26.29 -16.06
CA TYR C 73 19.70 -27.32 -16.43
C TYR C 73 20.45 -28.62 -16.67
N ALA C 74 19.94 -29.67 -16.03
CA ALA C 74 20.52 -31.00 -16.06
C ALA C 74 19.68 -31.81 -17.03
N VAL C 75 20.32 -32.22 -18.13
CA VAL C 75 19.77 -33.19 -19.07
C VAL C 75 20.21 -34.57 -18.59
N THR C 76 19.25 -35.45 -18.37
CA THR C 76 19.46 -36.66 -17.61
C THR C 76 18.82 -37.86 -18.28
N LYS C 77 19.25 -39.06 -17.93
CA LYS C 77 18.55 -40.25 -18.35
C LYS C 77 17.17 -40.22 -17.70
N ARG C 78 16.18 -40.85 -18.35
CA ARG C 78 14.81 -40.94 -17.90
C ARG C 78 14.78 -41.92 -16.72
N SER C 79 14.10 -41.54 -15.62
CA SER C 79 14.09 -42.22 -14.35
C SER C 79 12.81 -41.87 -13.60
N PHE C 80 12.64 -42.42 -12.43
CA PHE C 80 11.53 -42.18 -11.55
C PHE C 80 11.47 -40.72 -11.11
N TRP C 81 12.58 -39.98 -11.32
CA TRP C 81 12.75 -38.62 -10.80
C TRP C 81 12.76 -37.55 -11.89
N SER C 82 12.68 -37.96 -13.17
CA SER C 82 12.52 -37.10 -14.34
C SER C 82 11.40 -36.09 -14.09
N ASN C 83 10.21 -36.62 -13.78
CA ASN C 83 8.96 -35.90 -13.56
C ASN C 83 9.05 -34.74 -12.56
N SER C 84 10.00 -34.74 -11.65
CA SER C 84 9.91 -33.81 -10.53
C SER C 84 11.10 -32.87 -10.55
N ALA C 85 12.03 -33.08 -11.49
CA ALA C 85 13.32 -32.41 -11.52
C ALA C 85 13.14 -30.94 -11.94
N GLY C 86 14.11 -30.11 -11.58
CA GLY C 86 14.04 -28.77 -12.10
C GLY C 86 15.38 -28.05 -12.00
N PRO C 87 15.52 -26.90 -12.69
CA PRO C 87 16.76 -26.13 -12.65
C PRO C 87 17.16 -25.55 -11.30
N ILE C 88 18.45 -25.20 -11.27
CA ILE C 88 19.09 -24.31 -10.31
C ILE C 88 19.34 -22.97 -11.01
N SER C 89 19.20 -21.86 -10.27
CA SER C 89 19.51 -20.52 -10.80
C SER C 89 20.24 -19.67 -9.74
N ILE C 90 20.89 -18.60 -10.20
CA ILE C 90 21.43 -17.57 -9.33
C ILE C 90 21.28 -16.21 -10.02
N ASN C 91 21.24 -15.13 -9.23
CA ASN C 91 21.20 -13.73 -9.65
C ASN C 91 22.41 -13.01 -9.06
N TYR C 92 23.32 -12.45 -9.89
CA TYR C 92 24.35 -11.55 -9.37
C TYR C 92 24.60 -10.36 -10.28
N ARG C 93 25.52 -9.46 -9.88
CA ARG C 93 26.03 -8.39 -10.74
C ARG C 93 27.53 -8.21 -10.53
N SER D 13 -16.77 2.95 -16.94
CA SER D 13 -16.21 1.59 -17.14
C SER D 13 -16.34 1.17 -18.61
N LYS D 14 -17.44 1.61 -19.23
CA LYS D 14 -17.87 1.13 -20.54
C LYS D 14 -17.13 1.83 -21.69
N LYS D 15 -16.31 2.85 -21.36
CA LYS D 15 -15.60 3.72 -22.29
C LYS D 15 -14.60 2.91 -23.11
N PRO D 16 -13.99 3.45 -24.19
CA PRO D 16 -12.83 2.81 -24.81
C PRO D 16 -11.56 3.11 -24.01
N ARG D 17 -10.69 2.12 -23.88
CA ARG D 17 -9.51 2.18 -23.02
C ARG D 17 -8.91 3.59 -23.02
N GLN D 18 -8.60 4.14 -24.21
CA GLN D 18 -7.80 5.35 -24.25
C GLN D 18 -8.54 6.54 -23.63
N LYS D 19 -9.84 6.39 -23.37
CA LYS D 19 -10.62 7.53 -22.90
C LYS D 19 -10.96 7.34 -21.42
N ARG D 20 -10.48 6.21 -20.86
CA ARG D 20 -10.71 5.86 -19.47
C ARG D 20 -9.99 6.83 -18.52
N THR D 21 -10.70 7.19 -17.43
CA THR D 21 -10.15 7.90 -16.30
C THR D 21 -10.00 6.93 -15.14
N ALA D 22 -8.75 6.70 -14.69
CA ALA D 22 -8.48 5.95 -13.46
C ALA D 22 -8.83 6.83 -12.25
N THR D 23 -9.69 6.31 -11.37
CA THR D 23 -9.93 6.91 -10.05
C THR D 23 -9.69 5.85 -8.97
N LYS D 24 -10.07 6.16 -7.71
CA LYS D 24 -10.02 5.19 -6.61
C LYS D 24 -11.02 4.06 -6.85
N ALA D 25 -12.20 4.44 -7.33
CA ALA D 25 -13.30 3.52 -7.54
C ALA D 25 -12.96 2.54 -8.67
N TYR D 26 -12.11 2.95 -9.61
CA TYR D 26 -11.76 2.20 -10.80
C TYR D 26 -10.28 2.47 -11.10
N ASN D 27 -9.40 1.63 -10.56
CA ASN D 27 -7.97 1.93 -10.40
C ASN D 27 -7.14 1.64 -11.66
N VAL D 28 -5.84 1.96 -11.60
CA VAL D 28 -4.95 1.97 -12.76
C VAL D 28 -4.84 0.54 -13.32
N THR D 29 -4.92 -0.43 -12.41
CA THR D 29 -4.82 -1.84 -12.76
C THR D 29 -6.11 -2.22 -13.48
N GLN D 30 -7.24 -1.84 -12.88
CA GLN D 30 -8.56 -2.15 -13.40
C GLN D 30 -8.76 -1.46 -14.76
N ALA D 31 -8.28 -0.20 -14.89
CA ALA D 31 -8.48 0.50 -16.16
C ALA D 31 -7.49 0.04 -17.24
N PHE D 32 -6.23 -0.22 -16.88
CA PHE D 32 -5.21 -0.31 -17.91
C PHE D 32 -4.36 -1.56 -17.78
N GLY D 33 -4.70 -2.42 -16.82
CA GLY D 33 -4.02 -3.68 -16.61
C GLY D 33 -2.89 -3.51 -15.61
N ARG D 34 -2.29 -4.63 -15.21
CA ARG D 34 -1.20 -4.66 -14.24
C ARG D 34 0.00 -3.96 -14.83
N ARG D 35 0.87 -3.39 -13.98
CA ARG D 35 2.14 -2.86 -14.48
C ARG D 35 2.95 -4.07 -14.94
N GLY D 36 3.86 -3.88 -15.90
CA GLY D 36 4.58 -5.04 -16.43
C GLY D 36 5.64 -4.68 -17.47
N PRO D 37 6.50 -5.62 -17.85
CA PRO D 37 7.62 -5.30 -18.74
C PRO D 37 7.35 -5.45 -20.24
N GLU D 38 6.23 -6.11 -20.59
CA GLU D 38 5.89 -6.41 -21.96
C GLU D 38 5.50 -5.14 -22.71
N GLN D 39 5.77 -5.17 -24.03
CA GLN D 39 5.53 -4.04 -24.92
C GLN D 39 4.10 -3.51 -24.76
N THR D 40 3.10 -4.31 -24.39
CA THR D 40 1.75 -3.74 -24.33
C THR D 40 1.24 -3.46 -22.91
N GLN D 41 2.12 -3.56 -21.92
CA GLN D 41 1.74 -3.29 -20.55
C GLN D 41 2.17 -1.87 -20.22
N GLY D 42 1.37 -1.19 -19.39
CA GLY D 42 1.84 0.03 -18.73
C GLY D 42 3.04 -0.29 -17.84
N ASN D 43 3.96 0.66 -17.71
CA ASN D 43 5.05 0.53 -16.75
C ASN D 43 5.06 1.70 -15.77
N PHE D 44 4.14 2.64 -15.90
CA PHE D 44 4.20 3.81 -15.02
C PHE D 44 3.37 3.61 -13.76
N GLY D 45 3.96 3.90 -12.59
CA GLY D 45 3.21 4.19 -11.37
C GLY D 45 3.68 3.41 -10.14
N ASP D 46 3.90 4.13 -9.03
CA ASP D 46 4.13 3.51 -7.71
C ASP D 46 2.78 3.02 -7.17
N GLN D 47 2.81 2.16 -6.14
CA GLN D 47 1.61 1.62 -5.51
C GLN D 47 0.54 2.69 -5.27
N GLU D 48 0.91 3.87 -4.76
CA GLU D 48 -0.02 4.94 -4.45
C GLU D 48 -0.80 5.38 -5.71
N LEU D 49 -0.06 5.58 -6.81
CA LEU D 49 -0.67 6.06 -8.04
C LEU D 49 -1.65 5.01 -8.54
N ILE D 50 -1.15 3.79 -8.74
CA ILE D 50 -1.99 2.69 -9.17
C ILE D 50 -3.31 2.74 -8.40
N ARG D 51 -3.25 3.11 -7.10
CA ARG D 51 -4.38 2.89 -6.21
C ARG D 51 -5.40 4.02 -6.32
N GLN D 52 -4.97 5.21 -6.73
CA GLN D 52 -5.79 6.41 -6.59
C GLN D 52 -6.03 7.10 -7.93
N GLY D 53 -5.19 6.77 -8.93
CA GLY D 53 -5.38 7.30 -10.28
C GLY D 53 -5.31 8.82 -10.30
N THR D 54 -6.31 9.46 -10.91
CA THR D 54 -6.40 10.91 -11.00
C THR D 54 -6.55 11.56 -9.62
N ASP D 55 -7.00 10.78 -8.62
CA ASP D 55 -7.22 11.27 -7.28
C ASP D 55 -5.87 11.43 -6.56
N TYR D 56 -4.80 10.90 -7.15
CA TYR D 56 -3.46 10.89 -6.57
C TYR D 56 -3.08 12.33 -6.19
N LYS D 57 -2.38 12.49 -5.08
CA LYS D 57 -2.20 13.81 -4.48
C LYS D 57 -1.37 14.71 -5.38
N HIS D 58 -0.49 14.10 -6.20
CA HIS D 58 0.41 14.83 -7.08
C HIS D 58 0.11 14.50 -8.55
N TRP D 59 -1.17 14.41 -8.90
CA TRP D 59 -1.55 14.13 -10.27
C TRP D 59 -1.38 15.37 -11.15
N PRO D 60 -1.86 16.57 -10.74
CA PRO D 60 -1.66 17.75 -11.58
C PRO D 60 -0.23 17.92 -12.09
N GLN D 61 0.77 17.57 -11.25
CA GLN D 61 2.18 17.68 -11.60
C GLN D 61 2.55 16.68 -12.69
N ILE D 62 1.90 15.51 -12.66
CA ILE D 62 2.14 14.47 -13.66
C ILE D 62 1.30 14.77 -14.90
N ALA D 63 0.09 15.28 -14.70
CA ALA D 63 -0.89 15.57 -15.76
C ALA D 63 -0.42 16.65 -16.73
N GLN D 64 0.46 17.56 -16.26
CA GLN D 64 0.95 18.69 -17.04
C GLN D 64 1.88 18.23 -18.16
N PHE D 65 2.23 16.93 -18.16
CA PHE D 65 3.12 16.38 -19.18
C PHE D 65 2.32 15.64 -20.23
N ALA D 66 0.99 15.53 -20.03
CA ALA D 66 0.13 14.74 -20.91
C ALA D 66 -0.37 15.60 -22.05
N PRO D 67 -0.33 15.13 -23.32
CA PRO D 67 -0.63 15.99 -24.48
C PRO D 67 -2.12 16.23 -24.69
N SER D 68 -2.47 17.40 -25.22
CA SER D 68 -3.81 17.58 -25.75
C SER D 68 -4.01 16.61 -26.90
N ALA D 69 -5.26 16.49 -27.36
CA ALA D 69 -5.55 15.69 -28.54
C ALA D 69 -4.69 16.15 -29.71
N SER D 70 -4.56 17.47 -29.84
CA SER D 70 -3.89 18.05 -30.99
C SER D 70 -2.39 17.76 -30.92
N ALA D 71 -1.84 17.96 -29.71
CA ALA D 71 -0.42 17.77 -29.42
C ALA D 71 -0.01 16.34 -29.72
N PHE D 72 -0.88 15.41 -29.28
CA PHE D 72 -0.73 13.98 -29.48
C PHE D 72 -0.57 13.70 -30.97
N PHE D 73 -1.45 14.26 -31.82
CA PHE D 73 -1.45 13.94 -33.24
C PHE D 73 -0.40 14.71 -34.02
N GLY D 74 0.05 15.85 -33.46
CA GLY D 74 1.08 16.72 -34.02
C GLY D 74 2.52 16.32 -33.67
N MET D 75 2.75 15.78 -32.45
CA MET D 75 4.12 15.54 -31.98
C MET D 75 4.55 14.12 -32.30
N SER D 76 3.62 13.15 -32.18
CA SER D 76 3.93 11.73 -32.10
C SER D 76 4.20 11.24 -33.51
N ARG D 77 4.88 10.10 -33.61
CA ARG D 77 4.89 9.35 -34.85
C ARG D 77 3.76 8.32 -34.80
N ILE D 78 2.76 8.45 -35.71
CA ILE D 78 1.60 7.57 -35.68
C ILE D 78 1.71 6.47 -36.73
N GLY D 79 1.46 5.21 -36.31
CA GLY D 79 1.45 4.05 -37.18
C GLY D 79 0.11 3.31 -37.15
N MET D 80 -0.03 2.31 -38.04
CA MET D 80 -1.21 1.46 -38.03
C MET D 80 -0.79 0.01 -38.25
N GLU D 81 -1.21 -0.89 -37.36
CA GLU D 81 -0.87 -2.28 -37.61
C GLU D 81 -2.13 -3.15 -37.70
N VAL D 82 -2.12 -4.03 -38.69
CA VAL D 82 -3.26 -4.90 -38.94
C VAL D 82 -2.86 -6.37 -38.73
N THR D 83 -3.50 -7.01 -37.74
CA THR D 83 -3.31 -8.44 -37.50
C THR D 83 -4.61 -9.11 -37.02
N PRO D 84 -4.65 -10.45 -36.91
CA PRO D 84 -5.78 -11.16 -36.30
C PRO D 84 -6.35 -10.59 -34.99
N SER D 85 -5.50 -10.30 -34.00
CA SER D 85 -6.00 -9.64 -32.80
C SER D 85 -6.79 -8.37 -33.17
N GLY D 86 -6.44 -7.80 -34.35
CA GLY D 86 -7.13 -6.62 -34.87
C GLY D 86 -6.24 -5.59 -35.56
N THR D 87 -6.71 -4.34 -35.49
CA THR D 87 -6.10 -3.18 -36.12
C THR D 87 -5.65 -2.24 -35.01
N TRP D 88 -4.34 -1.95 -34.97
CA TRP D 88 -3.78 -1.15 -33.88
C TRP D 88 -3.26 0.19 -34.38
N LEU D 89 -3.65 1.27 -33.69
CA LEU D 89 -3.07 2.60 -33.89
C LEU D 89 -1.89 2.71 -32.94
N THR D 90 -0.67 2.71 -33.52
CA THR D 90 0.55 2.79 -32.73
C THR D 90 0.97 4.25 -32.62
N TYR D 91 1.59 4.62 -31.50
CA TYR D 91 2.02 5.97 -31.20
C TYR D 91 3.35 5.87 -30.46
N THR D 92 4.28 6.72 -30.88
CA THR D 92 5.62 6.82 -30.32
C THR D 92 5.98 8.30 -30.33
N GLY D 93 6.44 8.85 -29.19
CA GLY D 93 6.85 10.27 -29.16
C GLY D 93 7.69 10.57 -27.94
N ALA D 94 8.16 11.83 -27.82
CA ALA D 94 8.93 12.28 -26.66
C ALA D 94 8.64 13.74 -26.34
N ILE D 95 8.35 14.06 -25.07
CA ILE D 95 8.10 15.43 -24.66
C ILE D 95 9.37 16.00 -24.00
N LYS D 96 9.79 17.18 -24.46
CA LYS D 96 11.02 17.79 -23.98
C LYS D 96 10.70 18.57 -22.71
N LEU D 97 11.44 18.29 -21.64
CA LEU D 97 11.22 18.96 -20.38
C LEU D 97 12.01 20.27 -20.40
N ASP D 98 11.49 21.31 -19.74
CA ASP D 98 12.16 22.61 -19.71
C ASP D 98 13.09 22.66 -18.50
N ASP D 99 14.40 22.63 -18.78
CA ASP D 99 15.36 22.67 -17.70
C ASP D 99 15.54 24.08 -17.12
N LYS D 100 14.82 25.10 -17.62
CA LYS D 100 14.92 26.41 -17.00
C LYS D 100 13.78 26.59 -16.00
N ASP D 101 12.93 25.55 -15.88
CA ASP D 101 11.74 25.66 -15.06
C ASP D 101 12.16 25.44 -13.61
N PRO D 102 11.96 26.43 -12.71
CA PRO D 102 12.32 26.29 -11.29
C PRO D 102 12.07 24.90 -10.69
N ASN D 103 11.04 24.20 -11.16
CA ASN D 103 10.71 22.93 -10.54
C ASN D 103 11.19 21.78 -11.41
N PHE D 104 12.02 22.08 -12.43
CA PHE D 104 12.59 21.08 -13.32
C PHE D 104 13.07 19.85 -12.54
N LYS D 105 13.85 20.05 -11.48
CA LYS D 105 14.40 18.92 -10.75
C LYS D 105 13.22 18.13 -10.17
N ASP D 106 12.26 18.84 -9.56
CA ASP D 106 11.13 18.23 -8.88
C ASP D 106 10.28 17.39 -9.82
N GLN D 107 10.24 17.81 -11.09
CA GLN D 107 9.45 17.11 -12.09
C GLN D 107 10.20 15.85 -12.53
N VAL D 108 11.53 15.89 -12.52
CA VAL D 108 12.21 14.67 -12.96
C VAL D 108 12.11 13.63 -11.86
N ILE D 109 12.34 14.07 -10.61
CA ILE D 109 12.32 13.17 -9.46
C ILE D 109 10.93 12.52 -9.39
N LEU D 110 9.88 13.31 -9.67
CA LEU D 110 8.51 12.85 -9.52
C LEU D 110 8.20 11.84 -10.61
N LEU D 111 8.73 12.12 -11.81
CA LEU D 111 8.63 11.24 -12.95
C LEU D 111 9.29 9.90 -12.66
N ASN D 112 10.61 9.92 -12.34
CA ASN D 112 11.45 8.72 -12.21
C ASN D 112 11.01 7.80 -11.08
N LYS D 113 10.28 8.37 -10.10
CA LYS D 113 9.74 7.68 -8.94
C LYS D 113 8.59 6.75 -9.32
N HIS D 114 7.96 7.01 -10.47
CA HIS D 114 6.82 6.22 -10.94
C HIS D 114 7.18 5.29 -12.09
N ILE D 115 8.17 5.67 -12.90
CA ILE D 115 8.61 4.86 -14.04
C ILE D 115 9.22 3.58 -13.51
N ASP D 116 8.57 2.44 -13.83
CA ASP D 116 9.10 1.13 -13.47
C ASP D 116 9.08 0.90 -11.94
N ALA D 117 8.27 1.68 -11.20
CA ALA D 117 7.97 1.47 -9.78
C ALA D 117 7.70 -0.01 -9.46
N TYR D 118 6.80 -0.65 -10.24
CA TYR D 118 6.30 -2.01 -10.00
C TYR D 118 7.45 -2.98 -9.74
N LYS D 119 8.68 -2.64 -10.15
CA LYS D 119 9.77 -3.61 -10.17
C LYS D 119 10.31 -3.84 -8.77
N THR D 120 10.03 -2.89 -7.88
CA THR D 120 10.52 -2.90 -6.51
C THR D 120 9.34 -2.95 -5.55
N PHE D 121 8.36 -3.83 -5.81
CA PHE D 121 7.29 -3.96 -4.83
C PHE D 121 6.77 -5.40 -4.67
N PRO D 122 6.22 -5.75 -3.48
CA PRO D 122 5.68 -7.09 -3.17
C PRO D 122 4.98 -7.91 -4.28
N ALA E 12 -0.98 31.32 -27.63
CA ALA E 12 -1.03 29.87 -28.00
C ALA E 12 0.37 29.29 -28.18
N SER E 13 1.38 30.16 -28.29
CA SER E 13 2.77 29.78 -28.47
C SER E 13 3.54 29.80 -27.14
N LYS E 14 2.97 30.46 -26.12
CA LYS E 14 3.59 30.54 -24.82
C LYS E 14 3.24 29.33 -23.96
N LYS E 15 2.27 28.53 -24.44
CA LYS E 15 1.95 27.23 -23.88
C LYS E 15 3.13 26.28 -24.11
N PRO E 16 3.37 25.32 -23.18
CA PRO E 16 4.34 24.24 -23.40
C PRO E 16 3.85 23.33 -24.53
N ARG E 17 4.79 22.82 -25.34
CA ARG E 17 4.49 22.22 -26.64
C ARG E 17 3.32 21.23 -26.57
N GLN E 18 3.13 20.57 -25.42
CA GLN E 18 2.22 19.44 -25.38
C GLN E 18 0.84 19.85 -24.86
N LYS E 19 0.65 21.13 -24.52
CA LYS E 19 -0.71 21.55 -24.24
C LYS E 19 -1.24 22.39 -25.38
N ARG E 20 -0.45 22.53 -26.46
CA ARG E 20 -0.81 23.43 -27.54
C ARG E 20 -2.01 22.85 -28.28
N THR E 21 -2.80 23.74 -28.91
CA THR E 21 -3.97 23.41 -29.71
C THR E 21 -3.81 24.00 -31.10
N ALA E 22 -3.69 23.15 -32.13
CA ALA E 22 -3.46 23.63 -33.49
C ALA E 22 -4.77 24.06 -34.14
N THR E 23 -4.76 25.25 -34.78
CA THR E 23 -5.93 25.81 -35.45
C THR E 23 -5.50 26.42 -36.78
N LYS E 24 -6.48 26.96 -37.55
CA LYS E 24 -6.20 27.69 -38.78
C LYS E 24 -5.17 28.78 -38.52
N ALA E 25 -5.27 29.42 -37.34
CA ALA E 25 -4.49 30.60 -36.98
C ALA E 25 -3.09 30.19 -36.49
N TYR E 26 -3.06 29.12 -35.71
CA TYR E 26 -1.83 28.51 -35.22
C TYR E 26 -1.81 27.05 -35.69
N ASN E 27 -1.22 26.81 -36.87
CA ASN E 27 -1.34 25.51 -37.53
C ASN E 27 -0.33 24.50 -36.98
N VAL E 28 -0.32 23.29 -37.57
CA VAL E 28 0.37 22.14 -37.00
C VAL E 28 1.87 22.32 -37.16
N THR E 29 2.29 23.01 -38.23
CA THR E 29 3.69 23.35 -38.36
C THR E 29 4.08 24.36 -37.27
N GLN E 30 3.25 25.37 -37.05
CA GLN E 30 3.68 26.42 -36.13
C GLN E 30 3.71 25.81 -34.72
N ALA E 31 2.76 24.91 -34.51
CA ALA E 31 2.54 24.33 -33.19
C ALA E 31 3.55 23.23 -32.86
N PHE E 32 3.80 22.33 -33.82
CA PHE E 32 4.46 21.07 -33.49
C PHE E 32 5.61 20.78 -34.45
N GLY E 33 6.01 21.79 -35.25
CA GLY E 33 7.09 21.62 -36.22
C GLY E 33 6.61 20.93 -37.49
N ARG E 34 7.55 20.64 -38.42
CA ARG E 34 7.18 20.01 -39.67
C ARG E 34 7.24 18.51 -39.58
N ARG E 35 6.33 17.84 -40.30
CA ARG E 35 6.35 16.41 -40.54
C ARG E 35 7.73 16.01 -41.04
N GLY E 36 8.23 14.88 -40.55
CA GLY E 36 9.62 14.59 -40.87
C GLY E 36 10.01 13.20 -40.39
N PRO E 37 11.13 12.65 -40.91
CA PRO E 37 11.51 11.29 -40.61
C PRO E 37 12.30 11.12 -39.31
N GLU E 38 12.77 12.20 -38.73
CA GLU E 38 13.68 12.05 -37.61
C GLU E 38 12.83 11.80 -36.37
N GLN E 39 13.51 11.29 -35.33
CA GLN E 39 12.89 10.52 -34.25
C GLN E 39 12.09 11.43 -33.32
N THR E 40 12.34 12.75 -33.39
CA THR E 40 11.69 13.73 -32.53
C THR E 40 10.64 14.54 -33.30
N GLN E 41 10.41 14.22 -34.59
CA GLN E 41 9.42 14.97 -35.38
C GLN E 41 8.14 14.14 -35.48
N GLY E 42 7.00 14.80 -35.74
CA GLY E 42 5.74 14.13 -35.99
C GLY E 42 5.65 13.72 -37.46
N ASN E 43 4.74 12.77 -37.77
CA ASN E 43 4.59 12.29 -39.13
C ASN E 43 3.11 12.19 -39.49
N PHE E 44 2.24 12.72 -38.61
CA PHE E 44 0.81 12.62 -38.80
C PHE E 44 0.27 13.86 -39.53
N GLY E 45 -0.71 13.67 -40.44
CA GLY E 45 -1.46 14.77 -41.03
C GLY E 45 -1.18 14.99 -42.52
N ASP E 46 -2.26 15.06 -43.33
CA ASP E 46 -2.17 15.55 -44.71
C ASP E 46 -2.17 17.09 -44.75
N GLN E 47 -1.98 17.66 -45.95
CA GLN E 47 -1.75 19.10 -46.09
C GLN E 47 -2.88 19.89 -45.45
N GLU E 48 -4.12 19.47 -45.65
CA GLU E 48 -5.25 20.22 -45.13
C GLU E 48 -5.29 20.15 -43.59
N LEU E 49 -5.19 18.95 -42.99
CA LEU E 49 -5.10 18.84 -41.54
C LEU E 49 -3.94 19.64 -40.98
N ILE E 50 -2.77 19.56 -41.62
CA ILE E 50 -1.62 20.34 -41.19
C ILE E 50 -2.01 21.82 -41.10
N ARG E 51 -2.95 22.28 -41.95
CA ARG E 51 -3.19 23.72 -42.17
C ARG E 51 -4.29 24.20 -41.24
N GLN E 52 -5.13 23.24 -40.84
CA GLN E 52 -6.40 23.49 -40.21
C GLN E 52 -6.37 23.03 -38.75
N GLY E 53 -5.43 22.16 -38.40
CA GLY E 53 -5.36 21.60 -37.06
C GLY E 53 -6.77 21.27 -36.57
N THR E 54 -7.16 21.78 -35.40
CA THR E 54 -8.39 21.32 -34.78
C THR E 54 -9.63 21.84 -35.48
N ASP E 55 -9.45 22.65 -36.53
CA ASP E 55 -10.56 23.20 -37.28
C ASP E 55 -10.96 22.21 -38.37
N TYR E 56 -10.06 21.24 -38.64
CA TYR E 56 -10.34 20.19 -39.62
C TYR E 56 -11.76 19.66 -39.45
N LYS E 57 -12.47 19.52 -40.57
CA LYS E 57 -13.85 19.07 -40.64
C LYS E 57 -14.06 17.80 -39.83
N HIS E 58 -13.12 16.87 -39.95
CA HIS E 58 -13.16 15.60 -39.24
C HIS E 58 -12.14 15.55 -38.10
N TRP E 59 -12.00 16.63 -37.32
CA TRP E 59 -11.08 16.53 -36.18
C TRP E 59 -11.63 15.62 -35.08
N PRO E 60 -12.94 15.70 -34.71
CA PRO E 60 -13.44 14.86 -33.63
C PRO E 60 -13.12 13.40 -33.97
N GLN E 61 -13.20 13.05 -35.27
CA GLN E 61 -13.05 11.68 -35.71
C GLN E 61 -11.63 11.19 -35.49
N ILE E 62 -10.66 12.11 -35.43
CA ILE E 62 -9.28 11.77 -35.11
C ILE E 62 -9.10 11.87 -33.60
N ALA E 63 -9.78 12.89 -33.02
CA ALA E 63 -9.67 13.24 -31.62
C ALA E 63 -10.05 12.08 -30.72
N GLN E 64 -10.92 11.18 -31.19
CA GLN E 64 -11.47 10.12 -30.37
C GLN E 64 -10.42 9.04 -30.08
N PHE E 65 -9.26 9.14 -30.72
CA PHE E 65 -8.22 8.13 -30.52
C PHE E 65 -7.09 8.72 -29.66
N ALA E 66 -7.21 10.00 -29.27
CA ALA E 66 -6.20 10.58 -28.39
C ALA E 66 -6.46 10.16 -26.94
N PRO E 67 -5.39 9.77 -26.20
CA PRO E 67 -5.58 9.19 -24.87
C PRO E 67 -5.91 10.34 -23.95
N SER E 68 -6.78 10.11 -22.97
CA SER E 68 -6.88 11.06 -21.87
C SER E 68 -5.54 11.08 -21.15
N ALA E 69 -5.42 11.99 -20.17
CA ALA E 69 -4.20 12.09 -19.38
C ALA E 69 -4.02 10.79 -18.59
N SER E 70 -5.06 10.43 -17.82
CA SER E 70 -5.06 9.19 -17.07
C SER E 70 -4.55 8.02 -17.91
N ALA E 71 -5.04 7.87 -19.14
CA ALA E 71 -4.66 6.75 -19.99
C ALA E 71 -3.29 6.96 -20.65
N PHE E 72 -2.85 8.23 -20.78
CA PHE E 72 -1.56 8.46 -21.39
C PHE E 72 -0.54 7.74 -20.51
N PHE E 73 -0.77 7.84 -19.21
CA PHE E 73 0.18 7.40 -18.21
C PHE E 73 -0.14 5.97 -17.78
N GLY E 74 -1.40 5.57 -18.03
CA GLY E 74 -1.88 4.23 -17.71
C GLY E 74 -1.39 3.17 -18.69
N MET E 75 -1.23 3.56 -19.97
CA MET E 75 -1.17 2.56 -21.02
C MET E 75 0.25 2.45 -21.56
N SER E 76 0.92 3.60 -21.61
CA SER E 76 2.15 3.80 -22.38
C SER E 76 3.32 3.16 -21.66
N ARG E 77 4.29 2.72 -22.47
CA ARG E 77 5.65 2.62 -22.01
C ARG E 77 6.26 4.01 -21.87
N ILE E 78 6.31 4.48 -20.61
CA ILE E 78 6.86 5.79 -20.24
C ILE E 78 8.33 5.63 -19.85
N GLY E 79 9.17 6.52 -20.42
CA GLY E 79 10.61 6.48 -20.30
C GLY E 79 11.21 7.86 -20.13
N MET E 80 12.52 7.88 -19.88
CA MET E 80 13.26 9.10 -19.61
C MET E 80 14.59 9.01 -20.36
N GLU E 81 15.00 10.13 -20.96
CA GLU E 81 16.18 10.13 -21.81
C GLU E 81 16.92 11.41 -21.50
N VAL E 82 18.18 11.30 -21.07
CA VAL E 82 18.98 12.48 -20.76
C VAL E 82 20.14 12.57 -21.76
N THR E 83 20.13 13.68 -22.52
CA THR E 83 20.92 13.85 -23.74
C THR E 83 21.40 15.29 -23.77
N PRO E 84 22.39 15.62 -24.63
CA PRO E 84 22.76 17.01 -24.85
C PRO E 84 21.59 17.86 -25.39
N SER E 85 20.67 17.28 -26.15
CA SER E 85 19.48 18.02 -26.56
C SER E 85 18.60 18.35 -25.35
N GLY E 86 18.92 17.73 -24.21
CA GLY E 86 18.14 17.95 -23.00
C GLY E 86 17.51 16.65 -22.49
N THR E 87 16.49 16.81 -21.64
CA THR E 87 15.81 15.72 -20.97
C THR E 87 14.41 15.58 -21.55
N TRP E 88 14.07 14.33 -21.94
CA TRP E 88 12.86 13.89 -22.64
C TRP E 88 12.13 12.80 -21.87
N LEU E 89 10.81 12.99 -21.70
CA LEU E 89 9.86 11.97 -21.25
C LEU E 89 9.35 11.24 -22.49
N THR E 90 9.74 9.99 -22.66
CA THR E 90 9.39 9.28 -23.87
C THR E 90 8.11 8.51 -23.62
N TYR E 91 7.44 8.08 -24.69
CA TYR E 91 6.16 7.42 -24.57
C TYR E 91 5.87 6.65 -25.86
N THR E 92 5.28 5.45 -25.71
CA THR E 92 4.81 4.55 -26.76
C THR E 92 3.77 3.61 -26.18
N GLY E 93 2.80 3.26 -27.04
CA GLY E 93 1.81 2.21 -26.82
C GLY E 93 1.10 1.90 -28.14
N ALA E 94 -0.11 1.36 -28.02
CA ALA E 94 -0.92 0.90 -29.15
C ALA E 94 -2.37 0.90 -28.70
N ILE E 95 -3.25 1.46 -29.52
CA ILE E 95 -4.65 1.67 -29.18
C ILE E 95 -5.47 0.85 -30.17
N LYS E 96 -6.23 -0.12 -29.63
CA LYS E 96 -7.02 -1.06 -30.41
C LYS E 96 -8.26 -0.37 -30.97
N LEU E 97 -8.47 -0.54 -32.28
CA LEU E 97 -9.65 -0.06 -32.97
C LEU E 97 -10.79 -1.04 -32.75
N ASP E 98 -11.99 -0.49 -32.50
CA ASP E 98 -13.16 -1.32 -32.24
C ASP E 98 -13.76 -1.77 -33.57
N ASP E 99 -13.38 -2.95 -34.06
CA ASP E 99 -13.90 -3.36 -35.36
C ASP E 99 -15.34 -3.85 -35.30
N LYS E 100 -15.97 -3.74 -34.12
CA LYS E 100 -17.38 -3.99 -33.93
C LYS E 100 -18.17 -2.68 -34.09
N ASP E 101 -17.46 -1.54 -34.12
CA ASP E 101 -18.01 -0.20 -34.32
C ASP E 101 -18.51 -0.09 -35.75
N PRO E 102 -19.73 0.45 -35.99
CA PRO E 102 -20.18 0.75 -37.36
C PRO E 102 -19.18 1.56 -38.19
N ASN E 103 -18.46 2.53 -37.58
CA ASN E 103 -17.63 3.45 -38.36
C ASN E 103 -16.22 2.91 -38.59
N PHE E 104 -15.94 1.72 -38.06
CA PHE E 104 -14.61 1.16 -38.17
C PHE E 104 -14.06 1.35 -39.60
N LYS E 105 -14.76 0.89 -40.62
CA LYS E 105 -14.13 0.90 -41.93
C LYS E 105 -13.79 2.33 -42.33
N ASP E 106 -14.58 3.30 -41.85
CA ASP E 106 -14.36 4.73 -42.11
C ASP E 106 -13.18 5.24 -41.28
N GLN E 107 -13.06 4.76 -40.03
CA GLN E 107 -11.93 5.20 -39.23
C GLN E 107 -10.65 4.86 -39.99
N VAL E 108 -10.53 3.63 -40.49
CA VAL E 108 -9.32 3.14 -41.14
C VAL E 108 -8.95 4.01 -42.34
N ILE E 109 -9.94 4.58 -43.00
CA ILE E 109 -9.72 5.25 -44.27
C ILE E 109 -9.24 6.66 -43.96
N LEU E 110 -9.83 7.22 -42.90
CA LEU E 110 -9.49 8.54 -42.43
C LEU E 110 -8.05 8.50 -41.93
N LEU E 111 -7.71 7.53 -41.07
CA LEU E 111 -6.40 7.47 -40.47
C LEU E 111 -5.31 7.22 -41.54
N ASN E 112 -5.63 6.48 -42.61
CA ASN E 112 -4.61 6.07 -43.58
C ASN E 112 -4.18 7.27 -44.41
N LYS E 113 -5.09 8.25 -44.48
CA LYS E 113 -4.96 9.46 -45.26
C LYS E 113 -3.98 10.42 -44.56
N HIS E 114 -3.73 10.20 -43.27
CA HIS E 114 -2.91 11.16 -42.55
C HIS E 114 -1.56 10.57 -42.22
N ILE E 115 -1.57 9.31 -41.79
CA ILE E 115 -0.39 8.58 -41.41
C ILE E 115 0.60 8.61 -42.58
N ASP E 116 1.76 9.26 -42.35
CA ASP E 116 2.86 9.26 -43.31
C ASP E 116 2.45 9.95 -44.62
N ALA E 117 1.41 10.79 -44.54
CA ALA E 117 0.95 11.66 -45.62
C ALA E 117 2.10 12.41 -46.30
N TYR E 118 2.90 13.13 -45.50
CA TYR E 118 3.95 14.01 -46.01
C TYR E 118 4.85 13.32 -47.05
N LYS E 119 4.83 11.99 -47.14
CA LYS E 119 5.81 11.34 -48.03
C LYS E 119 5.28 11.35 -49.46
N THR E 120 4.00 11.68 -49.61
CA THR E 120 3.44 11.74 -50.97
C THR E 120 2.91 13.14 -51.26
N PHE E 121 3.53 14.18 -50.67
CA PHE E 121 3.18 15.56 -50.98
C PHE E 121 3.79 15.98 -52.32
N PRO E 122 3.02 16.64 -53.22
CA PRO E 122 3.52 16.99 -54.56
C PRO E 122 4.81 17.82 -54.65
N GLU F 9 -2.22 -10.98 -25.51
CA GLU F 9 -3.17 -9.85 -25.72
C GLU F 9 -3.15 -9.44 -27.19
N VAL F 10 -1.94 -9.32 -27.78
CA VAL F 10 -1.80 -8.99 -29.19
C VAL F 10 -1.13 -10.13 -29.97
N VAL F 11 -0.70 -11.18 -29.27
CA VAL F 11 -0.15 -12.33 -29.98
C VAL F 11 -1.24 -13.37 -30.22
N VAL F 12 -1.12 -14.02 -31.37
CA VAL F 12 -2.15 -14.95 -31.76
C VAL F 12 -1.50 -16.18 -32.38
N ALA F 13 -2.07 -17.34 -32.02
CA ALA F 13 -1.71 -18.62 -32.58
C ALA F 13 -2.97 -19.25 -33.18
N THR F 14 -3.11 -19.11 -34.51
CA THR F 14 -4.20 -19.71 -35.25
C THR F 14 -3.78 -21.11 -35.72
N PRO F 15 -4.52 -22.16 -35.28
CA PRO F 15 -4.23 -23.55 -35.61
C PRO F 15 -4.35 -23.84 -37.11
N THR F 16 -3.37 -24.60 -37.61
CA THR F 16 -3.23 -24.95 -39.02
C THR F 16 -1.76 -25.21 -39.33
N HIS F 18 0.27 -24.62 -36.21
CA HIS F 18 0.39 -23.34 -35.45
C HIS F 18 1.17 -22.25 -36.18
N LEU F 19 0.44 -21.23 -36.65
CA LEU F 19 0.93 -19.97 -37.24
C LEU F 19 0.83 -18.87 -36.18
N ILE F 20 1.97 -18.26 -35.82
CA ILE F 20 2.03 -17.20 -34.82
C ILE F 20 1.94 -15.86 -35.54
N SER F 21 1.26 -14.90 -34.93
CA SER F 21 1.19 -13.59 -35.53
C SER F 21 1.12 -12.52 -34.45
N TRP F 22 1.76 -11.37 -34.75
CA TRP F 22 1.94 -10.25 -33.82
C TRP F 22 2.08 -8.93 -34.60
N PRO F 23 1.67 -7.80 -33.99
CA PRO F 23 1.79 -6.50 -34.65
C PRO F 23 3.14 -5.88 -34.28
N ASN F 24 3.81 -5.25 -35.25
CA ASN F 24 5.03 -4.48 -35.02
C ASN F 24 4.66 -3.32 -34.10
N LEU F 25 5.13 -3.37 -32.85
CA LEU F 25 4.88 -2.27 -31.91
C LEU F 25 6.15 -1.47 -31.62
N TRP F 26 7.23 -1.75 -32.35
CA TRP F 26 8.55 -1.23 -32.02
C TRP F 26 9.04 -0.23 -33.09
N TYR F 27 9.86 0.72 -32.65
CA TYR F 27 10.55 1.67 -33.51
C TYR F 27 11.73 1.00 -34.21
N LYS F 28 11.71 0.97 -35.54
CA LYS F 28 12.87 0.66 -36.35
C LYS F 28 13.32 -0.77 -36.06
N VAL F 29 12.44 -1.77 -36.28
CA VAL F 29 12.79 -3.18 -36.03
C VAL F 29 13.79 -3.62 -37.09
N ARG F 30 14.84 -4.36 -36.70
CA ARG F 30 15.72 -5.01 -37.66
C ARG F 30 15.25 -6.44 -37.89
N TYR F 31 15.24 -7.24 -36.82
CA TYR F 31 14.73 -8.60 -36.86
C TYR F 31 14.04 -8.92 -35.53
N TYR F 32 13.28 -10.02 -35.51
CA TYR F 32 12.71 -10.55 -34.28
C TYR F 32 13.37 -11.84 -33.84
N ARG F 33 13.32 -12.06 -32.52
CA ARG F 33 13.75 -13.28 -31.88
C ARG F 33 12.52 -13.86 -31.17
N ILE F 34 12.18 -15.10 -31.54
CA ILE F 34 11.12 -15.88 -30.92
C ILE F 34 11.73 -17.03 -30.12
N THR F 35 11.28 -17.13 -28.85
CA THR F 35 11.57 -18.28 -28.01
C THR F 35 10.28 -19.01 -27.69
N TYR F 36 10.38 -20.34 -27.57
CA TYR F 36 9.28 -21.21 -27.15
C TYR F 36 9.83 -22.38 -26.32
N GLY F 37 9.10 -22.70 -25.24
CA GLY F 37 9.25 -23.91 -24.44
C GLY F 37 8.06 -24.06 -23.49
N GLU F 38 7.98 -25.22 -22.82
CA GLU F 38 6.86 -25.52 -21.93
C GLU F 38 6.88 -24.50 -20.79
N THR F 39 5.72 -23.96 -20.42
CA THR F 39 5.64 -23.14 -19.20
C THR F 39 6.04 -23.98 -18.00
N GLY F 40 6.87 -23.42 -17.10
CA GLY F 40 7.65 -24.21 -16.17
C GLY F 40 8.65 -25.05 -16.97
N GLY F 41 9.08 -26.20 -16.44
CA GLY F 41 9.66 -27.19 -17.34
C GLY F 41 11.18 -27.14 -17.36
N ASN F 42 11.76 -28.33 -17.23
CA ASN F 42 13.16 -28.55 -16.96
C ASN F 42 13.99 -28.55 -18.25
N SER F 43 13.75 -27.56 -19.12
CA SER F 43 14.68 -27.31 -20.22
C SER F 43 14.76 -25.83 -20.52
N PRO F 44 15.81 -25.38 -21.22
CA PRO F 44 15.89 -24.03 -21.77
C PRO F 44 14.86 -23.81 -22.88
N VAL F 45 14.38 -22.57 -23.05
CA VAL F 45 13.55 -22.26 -24.20
C VAL F 45 14.32 -22.50 -25.51
N GLN F 46 13.57 -22.65 -26.59
CA GLN F 46 14.19 -22.67 -27.90
C GLN F 46 14.01 -21.30 -28.55
N GLU F 47 14.88 -21.02 -29.51
CA GLU F 47 15.07 -19.66 -29.98
C GLU F 47 15.31 -19.76 -31.49
N PHE F 48 14.56 -18.94 -32.27
CA PHE F 48 14.79 -18.78 -33.71
C PHE F 48 14.56 -17.32 -34.17
N THR F 49 15.27 -16.94 -35.25
CA THR F 49 15.13 -15.60 -35.82
C THR F 49 14.10 -15.54 -36.96
N VAL F 50 13.42 -14.40 -37.08
CA VAL F 50 12.43 -14.07 -38.10
C VAL F 50 12.77 -12.68 -38.65
N PRO F 51 12.85 -12.45 -39.99
CA PRO F 51 13.16 -11.12 -40.54
C PRO F 51 12.15 -10.06 -40.10
N GLY F 52 12.59 -8.77 -40.17
CA GLY F 52 11.82 -7.63 -39.69
C GLY F 52 10.60 -7.33 -40.56
N SER F 53 10.69 -7.75 -41.82
CA SER F 53 9.64 -7.51 -42.79
C SER F 53 8.40 -8.30 -42.42
N LYS F 54 8.58 -9.38 -41.67
CA LYS F 54 7.54 -10.36 -41.42
C LYS F 54 7.08 -10.26 -39.96
N SER F 55 5.80 -10.48 -39.72
CA SER F 55 5.22 -10.52 -38.39
C SER F 55 4.32 -11.76 -38.21
N THR F 56 4.74 -12.89 -38.81
CA THR F 56 4.22 -14.21 -38.50
C THR F 56 5.33 -15.27 -38.53
N ALA F 57 5.05 -16.44 -37.93
CA ALA F 57 5.94 -17.59 -37.97
C ALA F 57 5.17 -18.85 -37.58
N THR F 58 5.60 -19.99 -38.15
CA THR F 58 5.01 -21.29 -37.81
C THR F 58 5.88 -22.02 -36.80
N ILE F 59 5.24 -22.52 -35.73
CA ILE F 59 5.94 -23.34 -34.75
C ILE F 59 5.41 -24.78 -34.88
N SER F 60 6.31 -25.69 -35.28
CA SER F 60 5.94 -27.08 -35.48
C SER F 60 6.42 -27.94 -34.31
N GLY F 61 6.46 -29.28 -34.46
CA GLY F 61 6.65 -30.15 -33.32
C GLY F 61 5.75 -29.72 -32.16
N LEU F 62 6.33 -29.58 -30.98
CA LEU F 62 5.61 -29.27 -29.74
C LEU F 62 5.04 -30.57 -29.18
N LYS F 63 4.13 -30.45 -28.19
CA LYS F 63 3.49 -31.58 -27.52
C LYS F 63 2.06 -31.22 -27.13
N PRO F 64 1.12 -32.17 -27.27
CA PRO F 64 -0.32 -31.88 -27.15
C PRO F 64 -0.90 -31.39 -25.82
N GLY F 65 -0.49 -32.00 -24.70
CA GLY F 65 -1.21 -31.82 -23.45
C GLY F 65 -0.57 -30.80 -22.52
N VAL F 66 0.43 -30.07 -23.03
CA VAL F 66 1.35 -29.28 -22.22
C VAL F 66 1.35 -27.81 -22.65
N ASP F 67 1.04 -26.90 -21.71
CA ASP F 67 1.03 -25.46 -21.96
C ASP F 67 2.37 -24.98 -22.48
N TYR F 68 2.31 -24.01 -23.39
CA TYR F 68 3.50 -23.35 -23.91
C TYR F 68 3.47 -21.83 -23.68
N THR F 69 4.67 -21.25 -23.78
CA THR F 69 4.91 -19.82 -23.82
C THR F 69 5.74 -19.55 -25.07
N ILE F 70 5.14 -18.77 -25.99
CA ILE F 70 5.85 -18.20 -27.12
C ILE F 70 6.10 -16.72 -26.84
N THR F 71 7.37 -16.30 -26.99
CA THR F 71 7.83 -14.94 -26.72
C THR F 71 8.48 -14.37 -27.98
N VAL F 72 8.04 -13.16 -28.38
CA VAL F 72 8.55 -12.36 -29.48
C VAL F 72 9.41 -11.23 -28.92
N TYR F 73 10.71 -11.28 -29.27
CA TYR F 73 11.63 -10.19 -28.99
C TYR F 73 11.99 -9.46 -30.29
N ALA F 74 11.91 -8.14 -30.24
CA ALA F 74 12.21 -7.26 -31.35
C ALA F 74 13.59 -6.70 -31.09
N VAL F 75 14.55 -7.04 -31.94
CA VAL F 75 15.80 -6.30 -31.90
C VAL F 75 15.80 -5.14 -32.93
N THR F 76 15.98 -3.94 -32.39
CA THR F 76 15.74 -2.66 -33.04
C THR F 76 17.04 -1.84 -33.09
N LYS F 77 17.07 -0.82 -33.96
CA LYS F 77 18.09 0.22 -33.90
C LYS F 77 17.97 0.95 -32.56
N ARG F 78 19.11 1.46 -32.05
CA ARG F 78 19.14 2.25 -30.84
C ARG F 78 18.24 3.47 -31.01
N SER F 79 17.49 3.85 -29.96
CA SER F 79 16.46 4.87 -30.09
C SER F 79 16.00 5.38 -28.73
N PHE F 80 15.12 6.37 -28.78
CA PHE F 80 14.65 7.03 -27.57
C PHE F 80 13.82 6.01 -26.77
N TRP F 81 13.47 4.92 -27.44
CA TRP F 81 12.47 3.99 -26.93
C TRP F 81 13.05 2.62 -26.55
N SER F 82 14.35 2.37 -26.79
CA SER F 82 15.02 1.11 -26.46
C SER F 82 14.95 0.82 -24.97
N ASN F 83 15.21 1.83 -24.14
CA ASN F 83 15.11 1.86 -22.69
C ASN F 83 13.89 1.11 -22.15
N SER F 84 12.73 1.37 -22.72
CA SER F 84 11.47 1.12 -22.04
C SER F 84 10.71 0.06 -22.82
N ALA F 85 11.42 -0.61 -23.75
CA ALA F 85 10.84 -1.60 -24.63
C ALA F 85 10.92 -3.00 -24.01
N GLY F 86 10.01 -3.88 -24.43
CA GLY F 86 9.97 -5.20 -23.85
C GLY F 86 9.29 -6.16 -24.83
N PRO F 87 9.18 -7.47 -24.48
CA PRO F 87 8.76 -8.47 -25.45
C PRO F 87 7.23 -8.63 -25.42
N ILE F 88 6.76 -9.54 -26.28
CA ILE F 88 5.39 -9.96 -26.47
C ILE F 88 5.31 -11.46 -26.19
N SER F 89 4.30 -11.91 -25.44
CA SER F 89 4.23 -13.34 -25.14
C SER F 89 2.79 -13.85 -25.18
N ILE F 90 2.64 -15.06 -25.75
CA ILE F 90 1.40 -15.82 -25.69
C ILE F 90 1.60 -17.16 -24.99
N ASN F 91 0.61 -17.54 -24.15
CA ASN F 91 0.43 -18.88 -23.60
C ASN F 91 -0.62 -19.66 -24.40
N TYR F 92 -0.25 -20.81 -25.00
CA TYR F 92 -1.30 -21.65 -25.58
C TYR F 92 -1.08 -23.15 -25.34
N ARG F 93 -2.10 -23.97 -25.69
CA ARG F 93 -2.01 -25.42 -25.73
C ARG F 93 -1.34 -25.86 -27.04
N SER G 13 -9.21 -14.70 2.45
CA SER G 13 -10.20 -13.58 2.41
C SER G 13 -11.63 -14.09 2.47
N LYS G 14 -11.88 -15.26 1.88
CA LYS G 14 -13.19 -15.90 1.97
C LYS G 14 -13.45 -16.35 3.40
N LYS G 15 -12.38 -16.80 4.08
CA LYS G 15 -12.45 -17.28 5.44
C LYS G 15 -13.02 -16.18 6.36
N PRO G 16 -13.91 -16.50 7.32
CA PRO G 16 -14.34 -15.52 8.33
C PRO G 16 -13.12 -14.89 9.01
N ARG G 17 -13.30 -13.67 9.51
CA ARG G 17 -12.23 -12.78 9.92
C ARG G 17 -11.36 -13.45 10.99
N GLN G 18 -11.98 -14.05 12.01
CA GLN G 18 -11.29 -14.64 13.14
C GLN G 18 -10.48 -15.88 12.77
N LYS G 19 -10.68 -16.43 11.56
CA LYS G 19 -9.96 -17.60 11.08
C LYS G 19 -8.85 -17.24 10.09
N ARG G 20 -8.80 -15.96 9.66
CA ARG G 20 -7.84 -15.52 8.65
C ARG G 20 -6.40 -15.71 9.15
N THR G 21 -5.48 -15.96 8.21
CA THR G 21 -4.06 -16.06 8.47
C THR G 21 -3.35 -15.07 7.55
N ALA G 22 -2.70 -14.04 8.15
CA ALA G 22 -1.92 -13.06 7.41
C ALA G 22 -0.57 -13.63 6.96
N THR G 23 -0.21 -13.36 5.71
CA THR G 23 1.13 -13.67 5.19
C THR G 23 1.60 -12.55 4.27
N LYS G 24 2.73 -12.78 3.60
CA LYS G 24 3.26 -11.88 2.60
C LYS G 24 2.21 -11.60 1.52
N ALA G 25 1.50 -12.63 1.06
CA ALA G 25 0.55 -12.47 -0.03
C ALA G 25 -0.81 -11.95 0.45
N TYR G 26 -1.05 -11.96 1.77
CA TYR G 26 -2.29 -11.39 2.33
C TYR G 26 -1.95 -10.80 3.69
N ASN G 27 -1.43 -9.57 3.67
CA ASN G 27 -0.86 -8.91 4.84
C ASN G 27 -1.93 -8.57 5.89
N VAL G 28 -1.45 -8.02 7.03
CA VAL G 28 -2.27 -7.72 8.22
C VAL G 28 -3.39 -6.74 7.86
N THR G 29 -3.06 -5.70 7.08
CA THR G 29 -3.94 -4.65 6.63
C THR G 29 -5.10 -5.27 5.87
N GLN G 30 -4.73 -6.02 4.84
CA GLN G 30 -5.63 -6.73 3.94
C GLN G 30 -6.54 -7.72 4.68
N ALA G 31 -6.07 -8.31 5.79
CA ALA G 31 -6.86 -9.27 6.56
C ALA G 31 -7.66 -8.58 7.69
N PHE G 32 -7.06 -7.57 8.36
CA PHE G 32 -7.48 -7.09 9.69
C PHE G 32 -7.78 -5.58 9.70
N GLY G 33 -7.46 -4.92 8.59
CA GLY G 33 -7.61 -3.48 8.51
C GLY G 33 -6.33 -2.79 8.97
N ARG G 34 -6.28 -1.46 8.80
CA ARG G 34 -5.19 -0.64 9.29
C ARG G 34 -5.20 -0.60 10.83
N ARG G 35 -4.01 -0.64 11.44
CA ARG G 35 -3.87 -0.32 12.84
C ARG G 35 -4.38 1.08 13.14
N GLY G 36 -4.98 1.25 14.32
CA GLY G 36 -5.71 2.47 14.58
C GLY G 36 -6.10 2.60 16.04
N PRO G 37 -6.54 3.79 16.48
CA PRO G 37 -6.88 4.02 17.89
C PRO G 37 -8.25 3.50 18.30
N GLU G 38 -9.14 3.35 17.34
CA GLU G 38 -10.55 3.06 17.62
C GLU G 38 -10.72 1.66 18.21
N GLN G 39 -11.77 1.52 19.04
CA GLN G 39 -12.04 0.29 19.77
C GLN G 39 -12.07 -0.95 18.87
N THR G 40 -12.51 -0.83 17.62
CA THR G 40 -12.70 -1.97 16.73
C THR G 40 -11.52 -2.13 15.76
N GLN G 41 -10.49 -1.31 15.93
CA GLN G 41 -9.29 -1.41 15.12
C GLN G 41 -8.21 -2.17 15.90
N GLY G 42 -7.39 -2.95 15.18
CA GLY G 42 -6.25 -3.64 15.78
C GLY G 42 -5.12 -2.65 16.07
N ASN G 43 -4.41 -2.79 17.18
CA ASN G 43 -3.41 -1.75 17.42
C ASN G 43 -2.01 -2.36 17.47
N PHE G 44 -1.89 -3.63 17.09
CA PHE G 44 -0.66 -4.37 17.22
C PHE G 44 0.01 -4.59 15.85
N GLY G 45 1.35 -4.38 15.80
CA GLY G 45 2.19 -4.63 14.62
C GLY G 45 3.08 -3.43 14.27
N ASP G 46 4.39 -3.68 14.13
CA ASP G 46 5.29 -2.79 13.40
C ASP G 46 5.16 -3.03 11.88
N GLN G 47 5.83 -2.19 11.09
CA GLN G 47 5.68 -2.22 9.63
C GLN G 47 5.94 -3.62 9.08
N GLU G 48 6.98 -4.28 9.59
CA GLU G 48 7.48 -5.55 9.08
C GLU G 48 6.54 -6.72 9.41
N LEU G 49 5.92 -6.70 10.60
CA LEU G 49 4.91 -7.70 10.93
C LEU G 49 3.68 -7.45 10.07
N ILE G 50 3.31 -6.18 9.85
CA ILE G 50 2.18 -5.85 8.98
C ILE G 50 2.39 -6.46 7.60
N ARG G 51 3.62 -6.35 7.10
CA ARG G 51 4.00 -6.76 5.75
C ARG G 51 4.00 -8.29 5.70
N GLN G 52 4.46 -8.94 6.78
CA GLN G 52 4.87 -10.34 6.67
C GLN G 52 3.94 -11.33 7.38
N GLY G 53 3.12 -10.86 8.33
CA GLY G 53 2.18 -11.71 9.05
C GLY G 53 2.86 -12.95 9.64
N THR G 54 2.30 -14.13 9.38
CA THR G 54 2.89 -15.33 9.96
C THR G 54 4.15 -15.76 9.23
N ASP G 55 4.63 -14.96 8.26
CA ASP G 55 5.95 -15.18 7.66
C ASP G 55 7.02 -14.33 8.35
N TYR G 56 6.61 -13.43 9.24
CA TYR G 56 7.52 -12.63 10.04
C TYR G 56 8.48 -13.53 10.82
N LYS G 57 9.74 -13.10 10.81
CA LYS G 57 10.83 -13.87 11.38
C LYS G 57 10.49 -14.29 12.81
N HIS G 58 10.04 -13.36 13.66
CA HIS G 58 9.78 -13.65 15.06
C HIS G 58 8.30 -13.98 15.35
N TRP G 59 7.53 -14.46 14.36
CA TRP G 59 6.16 -14.88 14.63
C TRP G 59 6.06 -15.94 15.73
N PRO G 60 6.89 -17.01 15.75
CA PRO G 60 6.82 -17.98 16.83
C PRO G 60 6.90 -17.39 18.25
N GLN G 61 7.63 -16.28 18.41
CA GLN G 61 7.85 -15.70 19.73
C GLN G 61 6.60 -14.93 20.17
N ILE G 62 5.79 -14.56 19.18
CA ILE G 62 4.55 -13.85 19.42
C ILE G 62 3.40 -14.85 19.58
N ALA G 63 3.36 -15.86 18.69
CA ALA G 63 2.29 -16.83 18.59
C ALA G 63 2.12 -17.61 19.88
N GLN G 64 3.23 -17.82 20.62
CA GLN G 64 3.30 -18.65 21.81
C GLN G 64 2.47 -18.01 22.92
N PHE G 65 1.97 -16.78 22.65
CA PHE G 65 1.10 -16.04 23.54
C PHE G 65 -0.37 -16.19 23.14
N ALA G 66 -0.63 -16.61 21.89
CA ALA G 66 -2.03 -16.71 21.44
C ALA G 66 -2.73 -17.93 22.01
N PRO G 67 -3.99 -17.79 22.50
CA PRO G 67 -4.66 -18.92 23.13
C PRO G 67 -5.12 -19.92 22.09
N SER G 68 -5.22 -21.19 22.51
CA SER G 68 -5.98 -22.20 21.81
C SER G 68 -7.47 -21.89 21.95
N ALA G 69 -8.29 -22.63 21.18
CA ALA G 69 -9.73 -22.45 21.14
C ALA G 69 -10.29 -22.63 22.55
N SER G 70 -9.69 -23.59 23.26
CA SER G 70 -10.23 -24.05 24.52
C SER G 70 -9.87 -23.00 25.56
N ALA G 71 -8.64 -22.49 25.43
CA ALA G 71 -8.17 -21.44 26.33
C ALA G 71 -8.96 -20.17 26.05
N PHE G 72 -9.17 -19.87 24.77
CA PHE G 72 -9.85 -18.62 24.46
C PHE G 72 -11.16 -18.58 25.23
N PHE G 73 -11.86 -19.71 25.18
CA PHE G 73 -13.21 -19.75 25.74
C PHE G 73 -13.19 -19.92 27.26
N GLY G 74 -12.08 -20.45 27.78
CA GLY G 74 -11.91 -20.76 29.19
C GLY G 74 -11.44 -19.55 29.98
N MET G 75 -10.46 -18.79 29.42
CA MET G 75 -9.79 -17.76 30.21
C MET G 75 -10.62 -16.49 30.12
N SER G 76 -11.29 -16.30 28.96
CA SER G 76 -11.80 -15.00 28.56
C SER G 76 -13.14 -14.68 29.23
N ARG G 77 -13.43 -13.37 29.30
CA ARG G 77 -14.77 -12.88 29.61
C ARG G 77 -15.50 -12.54 28.31
N ILE G 78 -16.53 -13.35 28.03
CA ILE G 78 -17.22 -13.41 26.76
C ILE G 78 -18.59 -12.76 26.99
N GLY G 79 -18.95 -11.74 26.20
CA GLY G 79 -20.31 -11.27 26.13
C GLY G 79 -20.89 -11.32 24.72
N MET G 80 -22.13 -10.81 24.62
CA MET G 80 -22.84 -10.68 23.35
C MET G 80 -23.55 -9.34 23.28
N GLU G 81 -23.36 -8.63 22.16
CA GLU G 81 -24.03 -7.35 21.89
C GLU G 81 -24.78 -7.40 20.56
N VAL G 82 -26.01 -6.84 20.56
CA VAL G 82 -26.94 -6.89 19.43
C VAL G 82 -27.36 -5.46 19.08
N THR G 83 -26.97 -5.00 17.87
CA THR G 83 -27.44 -3.74 17.30
C THR G 83 -27.68 -3.88 15.79
N PRO G 84 -28.38 -2.92 15.14
CA PRO G 84 -28.47 -2.83 13.68
C PRO G 84 -27.29 -3.34 12.84
N SER G 85 -26.08 -2.84 13.09
CA SER G 85 -24.85 -3.31 12.48
C SER G 85 -24.81 -4.84 12.47
N GLY G 86 -24.96 -5.46 13.66
CA GLY G 86 -25.13 -6.91 13.75
C GLY G 86 -25.21 -7.46 15.16
N THR G 87 -24.72 -8.69 15.28
CA THR G 87 -24.57 -9.40 16.53
C THR G 87 -23.06 -9.61 16.72
N TRP G 88 -22.57 -9.10 17.86
CA TRP G 88 -21.13 -9.12 18.14
C TRP G 88 -20.82 -10.06 19.32
N LEU G 89 -19.86 -10.97 19.14
CA LEU G 89 -19.34 -11.73 20.25
C LEU G 89 -18.13 -10.98 20.78
N THR G 90 -18.24 -10.42 21.99
CA THR G 90 -17.18 -9.63 22.61
C THR G 90 -16.26 -10.55 23.42
N TYR G 91 -14.94 -10.35 23.31
CA TYR G 91 -14.02 -11.09 24.15
C TYR G 91 -13.08 -10.09 24.82
N THR G 92 -12.71 -10.38 26.08
CA THR G 92 -11.89 -9.55 26.95
C THR G 92 -11.13 -10.47 27.90
N GLY G 93 -9.78 -10.44 27.83
CA GLY G 93 -8.94 -11.30 28.65
C GLY G 93 -7.52 -10.77 28.85
N ALA G 94 -6.79 -11.44 29.75
CA ALA G 94 -5.38 -11.20 30.01
C ALA G 94 -4.67 -12.56 30.06
N ILE G 95 -3.46 -12.59 29.48
CA ILE G 95 -2.56 -13.73 29.64
C ILE G 95 -1.38 -13.25 30.49
N LYS G 96 -1.09 -13.97 31.57
CA LYS G 96 0.05 -13.62 32.41
C LYS G 96 1.34 -14.10 31.74
N LEU G 97 2.39 -13.27 31.77
CA LEU G 97 3.69 -13.73 31.31
C LEU G 97 4.45 -14.37 32.47
N ASP G 98 5.27 -15.38 32.18
CA ASP G 98 6.01 -16.11 33.20
C ASP G 98 7.39 -15.49 33.41
N ASP G 99 7.54 -14.72 34.50
CA ASP G 99 8.72 -13.91 34.75
C ASP G 99 9.88 -14.77 35.28
N LYS G 100 9.75 -16.10 35.17
CA LYS G 100 10.82 -17.00 35.58
C LYS G 100 11.38 -17.69 34.33
N ASP G 101 10.77 -17.37 33.18
CA ASP G 101 11.30 -17.82 31.90
C ASP G 101 12.52 -16.96 31.57
N PRO G 102 13.71 -17.55 31.28
CA PRO G 102 14.88 -16.77 30.87
C PRO G 102 14.54 -15.72 29.82
N ASN G 103 13.65 -16.06 28.90
CA ASN G 103 13.39 -15.22 27.74
C ASN G 103 12.48 -14.04 28.11
N PHE G 104 11.96 -14.02 29.35
CA PHE G 104 10.95 -13.07 29.78
C PHE G 104 11.26 -11.65 29.34
N LYS G 105 12.52 -11.23 29.47
CA LYS G 105 12.91 -9.87 29.12
C LYS G 105 12.65 -9.63 27.62
N ASP G 106 13.11 -10.57 26.79
CA ASP G 106 13.03 -10.49 25.33
C ASP G 106 11.58 -10.54 24.89
N GLN G 107 10.75 -11.28 25.62
CA GLN G 107 9.34 -11.42 25.28
C GLN G 107 8.57 -10.14 25.59
N VAL G 108 8.99 -9.42 26.65
CA VAL G 108 8.30 -8.18 26.93
C VAL G 108 8.77 -7.10 25.96
N ILE G 109 10.04 -7.19 25.54
CA ILE G 109 10.55 -6.13 24.68
C ILE G 109 9.95 -6.28 23.28
N LEU G 110 9.72 -7.53 22.85
CA LEU G 110 9.21 -7.77 21.50
C LEU G 110 7.71 -7.43 21.41
N LEU G 111 6.91 -7.78 22.43
CA LEU G 111 5.51 -7.38 22.50
C LEU G 111 5.40 -5.86 22.47
N ASN G 112 6.16 -5.21 23.36
CA ASN G 112 6.16 -3.75 23.48
C ASN G 112 6.48 -3.02 22.19
N LYS G 113 7.48 -3.51 21.43
CA LYS G 113 7.83 -2.94 20.14
C LYS G 113 6.70 -3.08 19.11
N HIS G 114 5.82 -4.08 19.27
CA HIS G 114 4.71 -4.27 18.35
C HIS G 114 3.48 -3.44 18.77
N ILE G 115 3.16 -3.40 20.08
CA ILE G 115 2.01 -2.65 20.61
C ILE G 115 2.15 -1.17 20.28
N ASP G 116 1.14 -0.62 19.58
CA ASP G 116 0.94 0.80 19.32
C ASP G 116 2.04 1.40 18.44
N ALA G 117 2.83 0.51 17.81
CA ALA G 117 3.88 0.81 16.85
C ALA G 117 3.39 1.77 15.76
N TYR G 118 2.14 1.59 15.32
CA TYR G 118 1.62 2.37 14.20
C TYR G 118 1.75 3.87 14.44
N LYS G 119 1.79 4.30 15.71
CA LYS G 119 1.73 5.73 16.04
C LYS G 119 2.96 6.48 15.51
N THR G 120 3.99 5.72 15.13
CA THR G 120 5.30 6.27 14.83
C THR G 120 5.71 6.09 13.36
N PHE G 121 4.84 5.47 12.54
CA PHE G 121 5.08 5.24 11.12
C PHE G 121 5.10 6.60 10.37
N ALA H 10 -1.66 -34.84 34.39
CA ALA H 10 -0.49 -34.08 34.93
C ALA H 10 0.35 -33.52 33.78
N GLU H 11 0.04 -33.97 32.55
CA GLU H 11 0.80 -33.61 31.35
C GLU H 11 0.23 -32.35 30.69
N ALA H 12 -1.10 -32.22 30.68
CA ALA H 12 -1.80 -31.09 30.06
C ALA H 12 -1.74 -29.85 30.96
N SER H 13 -1.18 -30.04 32.17
CA SER H 13 -1.03 -28.99 33.18
C SER H 13 0.31 -28.25 33.05
N LYS H 14 1.30 -28.91 32.41
CA LYS H 14 2.65 -28.39 32.25
C LYS H 14 2.68 -27.26 31.21
N LYS H 15 1.79 -27.37 30.22
CA LYS H 15 1.64 -26.36 29.17
C LYS H 15 1.37 -25.00 29.81
N PRO H 16 1.82 -23.90 29.15
CA PRO H 16 1.44 -22.55 29.58
C PRO H 16 -0.09 -22.44 29.43
N ARG H 17 -0.73 -21.76 30.40
CA ARG H 17 -2.16 -21.74 30.64
C ARG H 17 -2.92 -21.51 29.32
N GLN H 18 -2.46 -20.55 28.51
CA GLN H 18 -3.18 -20.14 27.32
C GLN H 18 -2.96 -21.14 26.18
N LYS H 19 -2.15 -22.18 26.35
CA LYS H 19 -2.11 -23.21 25.32
C LYS H 19 -2.88 -24.48 25.72
N ARG H 20 -3.52 -24.51 26.90
CA ARG H 20 -4.13 -25.74 27.40
C ARG H 20 -5.41 -25.98 26.61
N THR H 21 -5.86 -27.24 26.69
CA THR H 21 -7.03 -27.84 26.04
C THR H 21 -7.85 -28.59 27.10
N ALA H 22 -9.09 -28.14 27.34
CA ALA H 22 -9.92 -28.81 28.33
C ALA H 22 -10.53 -30.07 27.72
N THR H 23 -10.46 -31.19 28.44
CA THR H 23 -11.11 -32.46 28.10
C THR H 23 -11.91 -32.93 29.33
N LYS H 24 -12.57 -34.09 29.26
CA LYS H 24 -13.16 -34.70 30.45
C LYS H 24 -12.07 -34.99 31.49
N ALA H 25 -10.88 -35.36 30.99
CA ALA H 25 -9.74 -35.77 31.81
C ALA H 25 -9.10 -34.58 32.55
N TYR H 26 -9.29 -33.36 32.02
CA TYR H 26 -8.63 -32.15 32.49
C TYR H 26 -9.58 -30.98 32.17
N ASN H 27 -10.46 -30.63 33.13
CA ASN H 27 -11.66 -29.89 32.76
C ASN H 27 -11.40 -28.39 32.71
N VAL H 28 -12.46 -27.59 32.43
CA VAL H 28 -12.35 -26.13 32.34
C VAL H 28 -11.84 -25.54 33.66
N THR H 29 -12.34 -26.07 34.79
CA THR H 29 -11.97 -25.60 36.12
C THR H 29 -10.52 -25.93 36.41
N GLN H 30 -10.06 -27.11 35.95
CA GLN H 30 -8.69 -27.50 36.24
C GLN H 30 -7.74 -26.71 35.33
N ALA H 31 -8.21 -26.48 34.10
CA ALA H 31 -7.43 -25.83 33.06
C ALA H 31 -7.35 -24.34 33.34
N PHE H 32 -8.50 -23.75 33.67
CA PHE H 32 -8.65 -22.32 33.40
C PHE H 32 -9.14 -21.60 34.65
N GLY H 33 -9.41 -22.37 35.71
CA GLY H 33 -9.88 -21.80 36.95
C GLY H 33 -11.40 -21.69 36.93
N ARG H 34 -12.00 -21.60 38.14
CA ARG H 34 -13.43 -21.35 38.33
C ARG H 34 -13.93 -20.16 37.54
N ARG H 35 -15.10 -20.31 36.89
CA ARG H 35 -15.83 -19.17 36.37
C ARG H 35 -16.20 -18.21 37.51
N GLY H 36 -16.20 -16.91 37.19
CA GLY H 36 -16.46 -15.92 38.21
C GLY H 36 -16.42 -14.51 37.64
N PRO H 37 -16.66 -13.46 38.46
CA PRO H 37 -16.82 -12.11 37.95
C PRO H 37 -15.56 -11.28 38.04
N GLU H 38 -14.43 -11.83 38.46
CA GLU H 38 -13.28 -10.96 38.65
C GLU H 38 -12.53 -10.75 37.34
N GLN H 39 -11.75 -9.65 37.31
CA GLN H 39 -11.28 -9.14 36.04
C GLN H 39 -10.39 -10.17 35.35
N THR H 40 -9.93 -11.18 36.10
CA THR H 40 -8.95 -12.10 35.55
C THR H 40 -9.52 -13.52 35.51
N GLN H 41 -10.81 -13.67 35.83
CA GLN H 41 -11.41 -14.99 35.65
C GLN H 41 -12.11 -15.11 34.29
N GLY H 42 -12.39 -16.34 33.85
CA GLY H 42 -13.31 -16.53 32.72
C GLY H 42 -14.79 -16.57 33.18
N ASN H 43 -15.76 -16.42 32.29
CA ASN H 43 -17.16 -16.54 32.67
C ASN H 43 -17.99 -17.37 31.68
N PHE H 44 -17.33 -18.02 30.72
CA PHE H 44 -18.05 -18.77 29.69
C PHE H 44 -18.17 -20.23 30.10
N GLY H 45 -19.31 -20.86 29.79
CA GLY H 45 -19.46 -22.31 29.94
C GLY H 45 -20.56 -22.73 30.92
N ASP H 46 -21.59 -23.40 30.41
CA ASP H 46 -22.56 -24.06 31.27
C ASP H 46 -21.88 -25.25 31.98
N GLN H 47 -22.57 -25.85 32.96
CA GLN H 47 -21.99 -26.90 33.80
C GLN H 47 -21.42 -28.06 32.98
N GLU H 48 -21.91 -28.25 31.75
CA GLU H 48 -21.54 -29.42 30.97
C GLU H 48 -20.35 -29.15 30.06
N LEU H 49 -20.27 -27.94 29.50
CA LEU H 49 -19.07 -27.50 28.83
C LEU H 49 -17.90 -27.52 29.82
N ILE H 50 -18.12 -26.96 31.03
CA ILE H 50 -17.07 -26.96 32.04
C ILE H 50 -16.47 -28.36 32.15
N ARG H 51 -17.34 -29.32 32.48
CA ARG H 51 -17.01 -30.70 32.83
C ARG H 51 -16.30 -31.40 31.67
N GLN H 52 -16.70 -31.08 30.43
CA GLN H 52 -16.32 -31.89 29.27
C GLN H 52 -15.25 -31.23 28.41
N GLY H 53 -15.14 -29.89 28.48
CA GLY H 53 -14.17 -29.17 27.69
C GLY H 53 -14.43 -29.39 26.21
N THR H 54 -13.37 -29.79 25.48
CA THR H 54 -13.39 -29.98 24.03
C THR H 54 -14.01 -31.33 23.66
N ASP H 55 -14.40 -32.14 24.66
CA ASP H 55 -15.16 -33.37 24.47
C ASP H 55 -16.67 -33.07 24.45
N TYR H 56 -17.06 -31.81 24.65
CA TYR H 56 -18.44 -31.36 24.49
C TYR H 56 -18.89 -31.70 23.07
N LYS H 57 -20.11 -32.22 22.96
CA LYS H 57 -20.76 -32.56 21.69
C LYS H 57 -20.66 -31.40 20.70
N HIS H 58 -20.94 -30.17 21.17
CA HIS H 58 -21.04 -28.97 20.33
C HIS H 58 -19.77 -28.12 20.35
N TRP H 59 -18.66 -28.72 20.81
CA TRP H 59 -17.39 -28.01 20.80
C TRP H 59 -17.08 -27.34 19.46
N PRO H 60 -17.18 -28.03 18.30
CA PRO H 60 -16.83 -27.42 17.01
C PRO H 60 -17.62 -26.15 16.73
N GLN H 61 -18.89 -26.13 17.15
CA GLN H 61 -19.81 -25.01 16.93
C GLN H 61 -19.41 -23.84 17.83
N ILE H 62 -18.56 -24.06 18.83
CA ILE H 62 -18.07 -22.95 19.62
C ILE H 62 -16.69 -22.56 19.12
N ALA H 63 -15.82 -23.55 18.93
CA ALA H 63 -14.47 -23.36 18.39
C ALA H 63 -14.47 -22.52 17.11
N GLN H 64 -15.53 -22.60 16.30
CA GLN H 64 -15.56 -21.79 15.09
C GLN H 64 -15.37 -20.30 15.36
N PHE H 65 -15.67 -19.88 16.60
CA PHE H 65 -15.65 -18.46 16.91
C PHE H 65 -14.26 -18.04 17.44
N ALA H 66 -13.46 -19.02 17.94
CA ALA H 66 -12.16 -18.76 18.53
C ALA H 66 -11.14 -18.36 17.46
N PRO H 67 -10.33 -17.29 17.68
CA PRO H 67 -9.43 -16.73 16.67
C PRO H 67 -8.20 -17.60 16.42
N SER H 68 -7.59 -17.46 15.23
CA SER H 68 -6.25 -17.99 14.99
C SER H 68 -5.25 -17.03 15.63
N ALA H 69 -4.02 -17.49 15.83
CA ALA H 69 -3.00 -16.65 16.45
C ALA H 69 -2.89 -15.33 15.68
N SER H 70 -2.65 -15.43 14.37
CA SER H 70 -2.70 -14.34 13.42
C SER H 70 -3.84 -13.35 13.72
N ALA H 71 -5.09 -13.83 13.78
CA ALA H 71 -6.25 -12.96 14.01
C ALA H 71 -6.28 -12.44 15.45
N PHE H 72 -5.85 -13.27 16.39
CA PHE H 72 -5.81 -12.85 17.78
C PHE H 72 -4.99 -11.55 17.85
N PHE H 73 -3.84 -11.53 17.15
CA PHE H 73 -2.96 -10.35 17.14
C PHE H 73 -3.43 -9.26 16.17
N GLY H 74 -4.15 -9.68 15.11
CA GLY H 74 -4.45 -8.77 14.02
C GLY H 74 -5.66 -7.92 14.36
N MET H 75 -6.62 -8.54 15.05
CA MET H 75 -7.89 -7.89 15.33
C MET H 75 -7.88 -7.17 16.67
N SER H 76 -7.23 -7.71 17.71
CA SER H 76 -7.58 -7.27 19.06
C SER H 76 -6.91 -5.94 19.39
N ARG H 77 -7.45 -5.26 20.43
CA ARG H 77 -6.72 -4.30 21.24
C ARG H 77 -5.84 -5.03 22.27
N ILE H 78 -4.53 -5.05 21.95
CA ILE H 78 -3.44 -5.65 22.71
C ILE H 78 -2.82 -4.58 23.59
N GLY H 79 -2.57 -4.93 24.87
CA GLY H 79 -2.04 -4.01 25.86
C GLY H 79 -1.17 -4.74 26.90
N MET H 80 -0.42 -3.96 27.69
CA MET H 80 0.45 -4.50 28.74
C MET H 80 0.03 -3.93 30.09
N GLU H 81 -0.01 -4.79 31.12
CA GLU H 81 -0.24 -4.32 32.48
C GLU H 81 0.83 -4.86 33.40
N VAL H 82 1.58 -3.95 34.01
CA VAL H 82 2.58 -4.35 34.99
C VAL H 82 2.06 -3.98 36.39
N THR H 83 1.99 -5.01 37.26
CA THR H 83 1.23 -4.98 38.50
C THR H 83 1.94 -5.86 39.54
N PRO H 84 1.79 -5.59 40.86
CA PRO H 84 2.40 -6.46 41.87
C PRO H 84 2.13 -7.92 41.53
N SER H 85 0.96 -8.24 40.96
CA SER H 85 0.67 -9.64 40.75
C SER H 85 1.31 -10.18 39.45
N GLY H 86 1.95 -9.31 38.65
CA GLY H 86 2.63 -9.78 37.47
C GLY H 86 2.48 -8.85 36.27
N THR H 87 3.05 -9.31 35.14
CA THR H 87 2.94 -8.68 33.85
C THR H 87 1.95 -9.46 32.99
N TRP H 88 0.97 -8.72 32.47
CA TRP H 88 -0.19 -9.28 31.82
C TRP H 88 -0.26 -8.69 30.42
N LEU H 89 -0.31 -9.57 29.42
CA LEU H 89 -0.67 -9.29 28.03
C LEU H 89 -2.18 -9.21 27.91
N THR H 90 -2.70 -8.00 27.65
CA THR H 90 -4.14 -7.76 27.68
C THR H 90 -4.74 -7.86 26.28
N TYR H 91 -6.03 -8.21 26.21
CA TYR H 91 -6.67 -8.35 24.91
C TYR H 91 -8.19 -8.17 25.01
N THR H 92 -8.71 -7.33 24.10
CA THR H 92 -10.14 -7.17 23.77
C THR H 92 -10.30 -7.05 22.26
N GLY H 93 -11.57 -7.17 21.85
CA GLY H 93 -11.96 -7.42 20.47
C GLY H 93 -13.42 -7.85 20.41
N ALA H 94 -14.00 -7.78 19.21
CA ALA H 94 -15.37 -8.22 18.95
C ALA H 94 -15.43 -8.93 17.58
N ILE H 95 -16.11 -10.08 17.55
CA ILE H 95 -16.21 -10.94 16.38
C ILE H 95 -17.66 -10.93 15.92
N LYS H 96 -17.89 -10.48 14.67
CA LYS H 96 -19.25 -10.27 14.16
C LYS H 96 -19.82 -11.59 13.65
N LEU H 97 -20.99 -11.98 14.15
CA LEU H 97 -21.58 -13.19 13.62
C LEU H 97 -22.14 -12.86 12.25
N ASP H 98 -22.18 -13.88 11.38
CA ASP H 98 -22.63 -13.85 10.00
C ASP H 98 -24.14 -14.12 10.00
N ASP H 99 -24.95 -13.05 9.98
CA ASP H 99 -26.40 -13.23 10.14
C ASP H 99 -27.03 -13.75 8.86
N LYS H 100 -26.19 -14.12 7.88
CA LYS H 100 -26.62 -14.73 6.62
C LYS H 100 -26.55 -16.25 6.76
N ASP H 101 -25.62 -16.73 7.61
CA ASP H 101 -25.32 -18.13 7.84
C ASP H 101 -26.60 -18.84 8.30
N PRO H 102 -26.91 -19.99 7.65
CA PRO H 102 -28.11 -20.79 7.97
C PRO H 102 -28.30 -21.10 9.45
N ASN H 103 -27.18 -21.35 10.16
CA ASN H 103 -27.18 -21.77 11.56
C ASN H 103 -27.02 -20.57 12.49
N PHE H 104 -26.96 -19.35 11.96
CA PHE H 104 -26.88 -18.13 12.77
C PHE H 104 -27.69 -18.27 14.05
N LYS H 105 -28.97 -18.60 13.92
CA LYS H 105 -29.93 -18.56 15.01
C LYS H 105 -29.57 -19.63 16.04
N ASP H 106 -28.99 -20.72 15.56
CA ASP H 106 -28.56 -21.83 16.39
C ASP H 106 -27.33 -21.41 17.21
N GLN H 107 -26.57 -20.46 16.63
CA GLN H 107 -25.27 -20.03 17.15
C GLN H 107 -25.46 -19.06 18.30
N VAL H 108 -26.42 -18.15 18.11
CA VAL H 108 -26.87 -17.24 19.15
C VAL H 108 -27.32 -18.05 20.37
N ILE H 109 -28.22 -19.01 20.17
CA ILE H 109 -28.80 -19.81 21.24
C ILE H 109 -27.69 -20.53 22.02
N LEU H 110 -26.79 -21.21 21.28
CA LEU H 110 -25.69 -21.99 21.84
C LEU H 110 -24.77 -21.12 22.69
N LEU H 111 -24.54 -19.88 22.24
CA LEU H 111 -23.67 -18.93 22.92
C LEU H 111 -24.37 -18.32 24.14
N ASN H 112 -25.64 -17.96 24.03
CA ASN H 112 -26.41 -17.46 25.17
C ASN H 112 -26.43 -18.53 26.26
N LYS H 113 -26.54 -19.78 25.83
CA LYS H 113 -26.56 -20.90 26.75
C LYS H 113 -25.32 -20.92 27.63
N HIS H 114 -24.20 -20.36 27.16
CA HIS H 114 -22.91 -20.48 27.84
C HIS H 114 -22.47 -19.19 28.53
N ILE H 115 -22.78 -18.03 27.92
CA ILE H 115 -22.28 -16.72 28.29
C ILE H 115 -22.81 -16.35 29.68
N ASP H 116 -21.94 -16.36 30.69
CA ASP H 116 -22.33 -15.98 32.06
C ASP H 116 -23.17 -17.07 32.72
N ALA H 117 -23.18 -18.28 32.15
CA ALA H 117 -23.96 -19.38 32.72
C ALA H 117 -23.85 -19.49 34.24
N TYR H 118 -22.63 -19.44 34.78
CA TYR H 118 -22.40 -19.85 36.16
C TYR H 118 -23.30 -19.04 37.10
N LYS H 119 -23.86 -17.95 36.60
CA LYS H 119 -24.60 -17.08 37.50
C LYS H 119 -25.85 -17.80 37.96
N THR H 120 -26.37 -18.69 37.12
CA THR H 120 -27.66 -19.29 37.38
C THR H 120 -27.52 -20.79 37.62
N PHE H 121 -26.33 -21.24 38.07
CA PHE H 121 -26.09 -22.60 38.51
C PHE H 121 -26.79 -22.81 39.85
N PRO H 122 -27.49 -23.95 40.06
CA PRO H 122 -28.20 -24.27 41.31
C PRO H 122 -27.47 -24.13 42.66
N GLU I 9 -19.07 1.47 10.52
CA GLU I 9 -18.69 0.05 10.80
C GLU I 9 -19.59 -0.52 11.90
N VAL I 10 -19.45 0.02 13.12
CA VAL I 10 -20.26 -0.41 14.26
C VAL I 10 -21.21 0.70 14.70
N VAL I 11 -20.81 1.96 14.48
CA VAL I 11 -21.79 3.02 14.71
C VAL I 11 -22.69 3.10 13.49
N VAL I 12 -24.00 3.20 13.77
CA VAL I 12 -25.03 3.28 12.76
C VAL I 12 -25.92 4.48 13.08
N ALA I 13 -26.17 5.27 12.04
CA ALA I 13 -27.17 6.33 12.08
C ALA I 13 -28.28 5.97 11.09
N THR I 14 -29.50 5.76 11.61
CA THR I 14 -30.67 5.48 10.77
C THR I 14 -31.57 6.71 10.79
N PRO I 15 -31.86 7.31 9.60
CA PRO I 15 -32.71 8.50 9.52
C PRO I 15 -34.06 8.30 10.20
N THR I 16 -34.33 9.16 11.21
CA THR I 16 -35.58 9.45 11.91
C THR I 16 -35.27 9.88 13.36
N HIS I 18 -32.71 11.55 13.55
CA HIS I 18 -31.61 10.55 13.45
C HIS I 18 -31.43 9.74 14.74
N LEU I 19 -31.42 8.42 14.59
CA LEU I 19 -31.13 7.51 15.69
C LEU I 19 -29.68 7.04 15.53
N ILE I 20 -28.95 6.97 16.64
CA ILE I 20 -27.55 6.58 16.65
C ILE I 20 -27.37 5.36 17.55
N SER I 21 -26.74 4.30 17.01
CA SER I 21 -26.58 3.07 17.77
C SER I 21 -25.19 2.45 17.60
N TRP I 22 -24.75 1.79 18.67
CA TRP I 22 -23.42 1.25 18.77
C TRP I 22 -23.45 0.06 19.74
N PRO I 23 -22.63 -0.99 19.51
CA PRO I 23 -22.53 -2.11 20.46
C PRO I 23 -21.66 -1.65 21.62
N ASN I 24 -21.98 -2.16 22.82
CA ASN I 24 -21.13 -1.90 23.98
C ASN I 24 -19.88 -2.77 23.87
N LEU I 25 -18.71 -2.17 23.71
CA LEU I 25 -17.51 -2.97 23.49
C LEU I 25 -16.48 -2.77 24.59
N TRP I 26 -16.91 -2.21 25.73
CA TRP I 26 -15.95 -1.91 26.77
C TRP I 26 -16.35 -2.64 28.04
N TYR I 27 -15.37 -2.80 28.94
CA TYR I 27 -15.55 -3.43 30.23
C TYR I 27 -16.03 -2.39 31.24
N LYS I 28 -17.15 -2.71 31.94
CA LYS I 28 -17.67 -1.93 33.06
C LYS I 28 -17.84 -0.47 32.68
N VAL I 29 -18.76 -0.22 31.73
CA VAL I 29 -19.17 1.13 31.38
C VAL I 29 -20.07 1.71 32.47
N ARG I 30 -19.81 2.98 32.79
CA ARG I 30 -20.59 3.79 33.72
C ARG I 30 -21.49 4.70 32.89
N TYR I 31 -20.90 5.39 31.89
CA TYR I 31 -21.64 6.21 30.93
C TYR I 31 -20.83 6.45 29.65
N TYR I 32 -21.51 6.93 28.61
CA TYR I 32 -20.89 7.31 27.35
C TYR I 32 -20.91 8.83 27.19
N ARG I 33 -19.93 9.34 26.45
CA ARG I 33 -19.95 10.73 26.01
C ARG I 33 -19.93 10.71 24.49
N ILE I 34 -20.83 11.51 23.88
CA ILE I 34 -21.04 11.53 22.44
C ILE I 34 -20.82 12.94 21.91
N THR I 35 -19.91 13.02 20.93
CA THR I 35 -19.62 14.24 20.20
C THR I 35 -20.10 14.11 18.75
N TYR I 36 -20.57 15.23 18.20
CA TYR I 36 -20.88 15.41 16.79
C TYR I 36 -20.60 16.86 16.41
N GLY I 37 -20.02 17.07 15.23
CA GLY I 37 -19.60 18.40 14.83
C GLY I 37 -19.00 18.45 13.43
N GLU I 38 -19.11 19.65 12.83
CA GLU I 38 -18.67 19.97 11.49
C GLU I 38 -17.20 19.60 11.35
N THR I 39 -16.87 18.72 10.40
CA THR I 39 -15.49 18.33 10.17
C THR I 39 -14.64 19.56 9.90
N GLY I 40 -13.83 19.95 10.91
CA GLY I 40 -13.00 21.14 10.83
C GLY I 40 -13.80 22.37 10.40
N GLY I 41 -14.83 22.69 11.19
CA GLY I 41 -15.63 23.90 11.02
C GLY I 41 -15.15 25.00 11.98
N ASN I 42 -15.94 26.06 12.08
CA ASN I 42 -15.64 27.14 13.01
C ASN I 42 -16.56 27.01 14.22
N SER I 43 -16.97 25.76 14.49
CA SER I 43 -17.58 25.47 15.78
C SER I 43 -16.84 24.30 16.43
N PRO I 44 -16.74 24.29 17.77
CA PRO I 44 -16.19 23.13 18.49
C PRO I 44 -17.21 22.00 18.39
N VAL I 45 -16.80 20.74 18.64
CA VAL I 45 -17.74 19.61 18.61
C VAL I 45 -18.85 19.85 19.64
N GLN I 46 -20.02 19.27 19.37
CA GLN I 46 -21.08 19.22 20.37
C GLN I 46 -21.19 17.87 21.05
N GLU I 47 -21.23 17.90 22.39
CA GLU I 47 -21.09 16.71 23.21
C GLU I 47 -22.25 16.63 24.20
N PHE I 48 -22.88 15.45 24.30
CA PHE I 48 -23.84 15.17 25.36
C PHE I 48 -23.54 13.79 25.95
N THR I 49 -23.96 13.58 27.21
CA THR I 49 -23.73 12.32 27.92
C THR I 49 -24.98 11.44 27.92
N VAL I 50 -24.78 10.14 27.64
CA VAL I 50 -25.82 9.12 27.61
C VAL I 50 -25.55 8.11 28.71
N PRO I 51 -26.57 7.74 29.54
CA PRO I 51 -26.41 6.72 30.58
C PRO I 51 -25.74 5.44 30.07
N GLY I 52 -25.16 4.66 30.99
CA GLY I 52 -24.41 3.46 30.67
C GLY I 52 -25.30 2.26 30.29
N SER I 53 -26.54 2.23 30.81
CA SER I 53 -27.47 1.16 30.48
C SER I 53 -27.87 1.17 29.01
N LYS I 54 -27.87 2.36 28.37
CA LYS I 54 -28.27 2.48 26.98
C LYS I 54 -27.08 2.27 26.04
N SER I 55 -27.36 2.32 24.73
CA SER I 55 -26.34 2.16 23.71
C SER I 55 -26.84 2.69 22.37
N THR I 56 -27.87 3.55 22.43
CA THR I 56 -28.27 4.33 21.28
C THR I 56 -28.78 5.69 21.76
N ALA I 57 -28.94 6.64 20.82
CA ALA I 57 -29.28 8.02 21.11
C ALA I 57 -29.97 8.65 19.90
N THR I 58 -30.73 9.73 20.14
CA THR I 58 -31.16 10.60 19.05
C THR I 58 -30.33 11.89 18.99
N ILE I 59 -29.82 12.23 17.80
CA ILE I 59 -29.27 13.55 17.56
C ILE I 59 -30.26 14.34 16.70
N SER I 60 -30.66 15.54 17.14
CA SER I 60 -31.61 16.37 16.42
C SER I 60 -30.97 17.69 16.03
N GLY I 61 -31.29 18.15 14.82
CA GLY I 61 -30.64 19.32 14.28
C GLY I 61 -29.73 18.94 13.11
N LEU I 62 -28.45 19.30 13.23
CA LEU I 62 -27.49 19.14 12.15
C LEU I 62 -27.93 20.03 10.98
N LYS I 63 -27.48 19.64 9.79
CA LYS I 63 -27.88 20.21 8.53
C LYS I 63 -28.00 19.07 7.53
N PRO I 64 -28.35 19.33 6.25
CA PRO I 64 -28.54 18.28 5.25
C PRO I 64 -27.40 17.84 4.33
N GLY I 65 -26.42 18.71 4.06
CA GLY I 65 -25.46 18.40 3.00
C GLY I 65 -24.05 18.15 3.53
N VAL I 66 -23.79 18.65 4.73
CA VAL I 66 -22.46 18.72 5.32
C VAL I 66 -22.14 17.40 6.02
N ASP I 67 -20.85 17.02 5.98
CA ASP I 67 -20.34 15.79 6.59
C ASP I 67 -20.22 15.97 8.10
N TYR I 68 -20.64 14.94 8.85
CA TYR I 68 -20.60 14.97 10.30
C TYR I 68 -19.71 13.84 10.83
N THR I 69 -18.93 14.16 11.87
CA THR I 69 -18.19 13.15 12.62
C THR I 69 -18.93 12.88 13.94
N ILE I 70 -19.56 11.69 14.06
CA ILE I 70 -20.18 11.19 15.29
C ILE I 70 -19.28 10.16 15.97
N THR I 71 -18.82 10.53 17.16
CA THR I 71 -17.85 9.79 17.95
C THR I 71 -18.51 9.33 19.25
N VAL I 72 -18.21 8.07 19.66
CA VAL I 72 -18.68 7.52 20.92
C VAL I 72 -17.50 7.20 21.84
N TYR I 73 -17.51 7.81 23.03
CA TYR I 73 -16.51 7.57 24.06
C TYR I 73 -17.20 6.86 25.22
N ALA I 74 -16.52 5.84 25.79
CA ALA I 74 -16.98 5.12 26.96
C ALA I 74 -16.14 5.50 28.16
N VAL I 75 -16.81 6.10 29.15
CA VAL I 75 -16.26 6.28 30.48
C VAL I 75 -16.53 5.00 31.27
N THR I 76 -15.45 4.33 31.69
CA THR I 76 -15.43 3.00 32.27
C THR I 76 -14.73 3.04 33.63
N LYS I 77 -14.91 1.97 34.41
CA LYS I 77 -14.16 1.85 35.65
C LYS I 77 -12.74 1.45 35.28
N ARG I 78 -11.79 1.80 36.17
CA ARG I 78 -10.38 1.52 35.96
C ARG I 78 -10.21 0.00 35.93
N SER I 79 -9.63 -0.51 34.83
CA SER I 79 -9.47 -1.95 34.63
C SER I 79 -8.17 -2.26 33.91
N PHE I 80 -7.95 -3.56 33.66
CA PHE I 80 -6.82 -4.02 32.86
C PHE I 80 -6.94 -3.60 31.40
N TRP I 81 -8.10 -3.04 31.00
CA TRP I 81 -8.36 -2.72 29.59
C TRP I 81 -8.43 -1.20 29.31
N SER I 82 -8.40 -0.36 30.35
CA SER I 82 -8.29 1.09 30.24
C SER I 82 -7.19 1.51 29.24
N ASN I 83 -5.98 0.97 29.42
CA ASN I 83 -4.76 1.29 28.69
C ASN I 83 -4.95 1.25 27.17
N SER I 84 -5.79 0.35 26.68
CA SER I 84 -5.83 0.00 25.27
C SER I 84 -7.11 0.54 24.65
N ALA I 85 -7.92 1.23 25.46
CA ALA I 85 -9.25 1.61 25.04
C ALA I 85 -9.20 2.78 24.07
N GLY I 86 -10.25 2.89 23.26
CA GLY I 86 -10.34 3.84 22.18
C GLY I 86 -11.80 3.98 21.76
N PRO I 87 -12.18 5.12 21.15
CA PRO I 87 -13.58 5.40 20.84
C PRO I 87 -13.89 4.78 19.48
N ILE I 88 -15.13 5.05 19.05
CA ILE I 88 -15.91 4.53 17.94
C ILE I 88 -16.39 5.77 17.19
N SER I 89 -16.18 5.80 15.86
CA SER I 89 -16.42 6.96 14.99
C SER I 89 -17.23 6.59 13.75
N ILE I 90 -18.01 7.57 13.26
CA ILE I 90 -18.63 7.51 11.94
C ILE I 90 -18.54 8.89 11.30
N ASN I 91 -18.28 8.91 9.97
CA ASN I 91 -18.50 10.08 9.11
C ASN I 91 -19.89 10.03 8.46
N TYR I 92 -20.87 10.76 9.04
CA TYR I 92 -22.23 10.72 8.52
C TYR I 92 -22.51 11.92 7.61
N ARG I 93 -23.33 11.68 6.57
CA ARG I 93 -23.74 12.69 5.61
C ARG I 93 -25.14 12.33 5.07
N ALA J 12 14.01 37.50 -2.67
CA ALA J 12 13.27 36.24 -2.36
C ALA J 12 12.24 36.47 -1.25
N SER J 13 12.40 35.72 -0.14
CA SER J 13 11.53 35.84 1.04
C SER J 13 12.16 36.79 2.06
N LYS J 14 12.92 37.78 1.56
CA LYS J 14 13.57 38.79 2.38
C LYS J 14 12.63 39.98 2.58
N LYS J 15 11.58 40.07 1.76
CA LYS J 15 10.57 41.13 1.84
C LYS J 15 9.62 40.87 3.02
N PRO J 16 9.08 41.95 3.66
CA PRO J 16 7.94 41.79 4.58
C PRO J 16 6.81 41.00 3.91
N ARG J 17 6.21 40.07 4.66
CA ARG J 17 5.15 39.18 4.21
C ARG J 17 4.22 39.88 3.20
N GLN J 18 3.70 41.07 3.56
CA GLN J 18 2.62 41.79 2.89
C GLN J 18 3.07 42.39 1.56
N LYS J 19 4.37 42.35 1.27
CA LYS J 19 4.85 42.90 0.02
C LYS J 19 5.30 41.78 -0.93
N ARG J 20 5.30 40.53 -0.45
CA ARG J 20 5.82 39.42 -1.24
C ARG J 20 5.01 39.31 -2.54
N THR J 21 5.68 38.91 -3.63
CA THR J 21 5.06 38.51 -4.89
C THR J 21 5.18 36.99 -5.02
N ALA J 22 4.07 36.27 -5.20
CA ALA J 22 4.17 34.84 -5.47
C ALA J 22 4.38 34.61 -6.96
N THR J 23 5.35 33.75 -7.30
CA THR J 23 5.66 33.34 -8.66
C THR J 23 5.82 31.82 -8.74
N LYS J 24 6.15 31.31 -9.93
CA LYS J 24 6.47 29.90 -10.06
C LYS J 24 7.54 29.54 -9.05
N ALA J 25 8.68 30.25 -9.12
CA ALA J 25 9.86 30.04 -8.29
C ALA J 25 9.48 30.06 -6.80
N TYR J 26 8.80 31.13 -6.38
CA TYR J 26 8.37 31.30 -5.01
C TYR J 26 6.84 31.20 -4.97
N ASN J 27 6.30 30.03 -4.61
CA ASN J 27 4.88 29.74 -4.77
C ASN J 27 4.08 30.34 -3.61
N VAL J 28 2.74 30.18 -3.68
CA VAL J 28 1.79 30.69 -2.71
C VAL J 28 2.04 30.02 -1.36
N THR J 29 2.33 28.73 -1.36
CA THR J 29 2.55 28.04 -0.10
C THR J 29 3.78 28.68 0.56
N GLN J 30 4.87 28.74 -0.19
CA GLN J 30 6.13 29.23 0.32
C GLN J 30 5.97 30.69 0.72
N ALA J 31 5.15 31.42 -0.06
CA ALA J 31 5.06 32.85 0.14
C ALA J 31 4.26 33.16 1.40
N PHE J 32 3.23 32.34 1.66
CA PHE J 32 2.12 32.81 2.48
C PHE J 32 1.58 31.70 3.38
N GLY J 33 2.22 30.52 3.32
CA GLY J 33 1.74 29.36 4.06
C GLY J 33 0.77 28.50 3.23
N ARG J 34 0.28 27.41 3.83
CA ARG J 34 -0.69 26.51 3.20
C ARG J 34 -2.10 27.08 3.38
N ARG J 35 -3.03 26.74 2.46
CA ARG J 35 -4.43 27.11 2.63
C ARG J 35 -5.06 26.28 3.74
N GLY J 36 -5.91 26.92 4.55
CA GLY J 36 -6.41 26.25 5.74
C GLY J 36 -7.60 26.98 6.35
N PRO J 37 -8.25 26.38 7.36
CA PRO J 37 -9.45 26.96 7.97
C PRO J 37 -9.21 28.01 9.05
N GLU J 38 -7.98 28.08 9.59
CA GLU J 38 -7.66 28.94 10.72
C GLU J 38 -7.65 30.42 10.34
N GLN J 39 -8.13 31.25 11.27
CA GLN J 39 -8.23 32.69 11.05
C GLN J 39 -7.00 33.22 10.31
N THR J 40 -5.79 32.76 10.61
CA THR J 40 -4.62 33.45 10.05
C THR J 40 -4.01 32.72 8.86
N GLN J 41 -4.64 31.62 8.45
CA GLN J 41 -4.24 30.95 7.23
C GLN J 41 -4.97 31.63 6.08
N GLY J 42 -4.33 31.65 4.91
CA GLY J 42 -4.99 32.07 3.68
C GLY J 42 -5.96 31.00 3.21
N ASN J 43 -7.00 31.40 2.45
CA ASN J 43 -8.04 30.43 2.11
C ASN J 43 -8.37 30.48 0.62
N PHE J 44 -7.59 31.23 -0.15
CA PHE J 44 -7.90 31.49 -1.55
C PHE J 44 -6.82 30.87 -2.43
N GLY J 45 -7.27 30.04 -3.39
CA GLY J 45 -6.47 29.56 -4.52
C GLY J 45 -6.73 28.08 -4.77
N ASP J 46 -6.94 27.71 -6.05
CA ASP J 46 -6.93 26.31 -6.48
C ASP J 46 -5.49 25.88 -6.74
N GLN J 47 -5.29 24.58 -6.91
CA GLN J 47 -3.96 24.00 -7.05
C GLN J 47 -3.18 24.84 -8.05
N GLU J 48 -3.85 25.24 -9.13
CA GLU J 48 -3.19 25.92 -10.23
C GLU J 48 -2.56 27.23 -9.76
N LEU J 49 -3.34 28.08 -9.07
CA LEU J 49 -2.88 29.40 -8.63
C LEU J 49 -1.75 29.27 -7.63
N ILE J 50 -1.90 28.33 -6.68
CA ILE J 50 -0.90 28.09 -5.65
C ILE J 50 0.45 27.72 -6.26
N ARG J 51 0.45 27.37 -7.54
CA ARG J 51 1.63 26.79 -8.17
C ARG J 51 2.34 27.89 -8.93
N GLN J 52 1.56 28.88 -9.38
CA GLN J 52 2.01 29.81 -10.41
C GLN J 52 2.04 31.25 -9.91
N GLY J 53 1.42 31.50 -8.73
CA GLY J 53 1.27 32.85 -8.18
C GLY J 53 0.88 33.85 -9.27
N THR J 54 1.63 34.97 -9.40
CA THR J 54 1.28 35.96 -10.40
C THR J 54 1.66 35.53 -11.82
N ASP J 55 2.10 34.28 -12.00
CA ASP J 55 2.39 33.74 -13.32
C ASP J 55 1.22 32.87 -13.80
N TYR J 56 0.18 32.77 -12.96
CA TYR J 56 -1.09 32.13 -13.27
C TYR J 56 -1.73 32.82 -14.47
N LYS J 57 -2.40 32.01 -15.31
CA LYS J 57 -2.90 32.46 -16.60
C LYS J 57 -3.94 33.58 -16.45
N HIS J 58 -4.88 33.45 -15.49
CA HIS J 58 -5.83 34.52 -15.21
C HIS J 58 -5.49 35.26 -13.91
N TRP J 59 -4.27 35.81 -13.81
CA TRP J 59 -3.91 36.62 -12.64
C TRP J 59 -4.60 37.98 -12.71
N PRO J 60 -4.59 38.67 -13.88
CA PRO J 60 -5.16 40.03 -14.00
C PRO J 60 -6.64 40.14 -13.63
N GLN J 61 -7.37 39.03 -13.81
CA GLN J 61 -8.80 39.05 -13.56
C GLN J 61 -9.03 39.04 -12.06
N ILE J 62 -8.04 38.49 -11.33
CA ILE J 62 -8.11 38.37 -9.88
C ILE J 62 -7.65 39.70 -9.28
N ALA J 63 -6.46 40.13 -9.72
CA ALA J 63 -5.76 41.32 -9.28
C ALA J 63 -6.65 42.57 -9.37
N GLN J 64 -7.50 42.63 -10.41
CA GLN J 64 -8.31 43.83 -10.65
C GLN J 64 -9.16 44.16 -9.42
N PHE J 65 -9.17 43.25 -8.44
CA PHE J 65 -9.98 43.35 -7.24
C PHE J 65 -9.14 43.84 -6.06
N ALA J 66 -7.81 43.66 -6.16
CA ALA J 66 -6.87 44.03 -5.09
C ALA J 66 -6.75 45.54 -4.94
N PRO J 67 -6.84 46.07 -3.70
CA PRO J 67 -6.74 47.51 -3.51
C PRO J 67 -5.33 48.08 -3.66
N SER J 68 -5.27 49.33 -4.11
CA SER J 68 -4.09 50.17 -3.95
C SER J 68 -3.95 50.54 -2.47
N ALA J 69 -2.68 50.81 -2.08
CA ALA J 69 -2.29 51.36 -0.79
C ALA J 69 -3.38 52.30 -0.26
N SER J 70 -3.77 53.28 -1.08
CA SER J 70 -4.71 54.30 -0.67
C SER J 70 -6.07 53.66 -0.38
N ALA J 71 -6.42 52.70 -1.21
CA ALA J 71 -7.71 52.06 -1.12
C ALA J 71 -7.83 51.31 0.19
N PHE J 72 -6.83 50.46 0.43
CA PHE J 72 -6.71 49.57 1.59
C PHE J 72 -6.87 50.39 2.86
N PHE J 73 -6.23 51.56 2.95
CA PHE J 73 -6.35 52.33 4.18
C PHE J 73 -7.61 53.18 4.21
N GLY J 74 -8.17 53.49 3.03
CA GLY J 74 -9.40 54.27 2.94
C GLY J 74 -10.67 53.41 3.13
N MET J 75 -10.73 52.21 2.51
CA MET J 75 -11.94 51.41 2.51
C MET J 75 -12.10 50.60 3.80
N SER J 76 -11.01 49.99 4.28
CA SER J 76 -10.96 48.90 5.22
C SER J 76 -11.06 49.40 6.66
N ARG J 77 -11.42 48.51 7.61
CA ARG J 77 -11.49 48.77 9.03
C ARG J 77 -10.23 48.22 9.71
N ILE J 78 -9.34 49.14 10.13
CA ILE J 78 -8.02 48.74 10.57
C ILE J 78 -8.05 48.78 12.09
N GLY J 79 -7.34 47.82 12.71
CA GLY J 79 -7.19 47.77 14.15
C GLY J 79 -5.80 47.26 14.55
N MET J 80 -5.52 47.37 15.85
CA MET J 80 -4.21 47.01 16.35
C MET J 80 -4.39 46.07 17.54
N GLU J 81 -3.74 44.92 17.52
CA GLU J 81 -3.78 44.08 18.70
C GLU J 81 -2.36 43.78 19.19
N VAL J 82 -2.19 43.81 20.52
CA VAL J 82 -0.92 43.64 21.22
C VAL J 82 -1.01 42.49 22.22
N THR J 83 -0.19 41.44 22.01
CA THR J 83 0.02 40.37 22.98
C THR J 83 1.41 39.73 22.83
N PRO J 84 1.75 38.71 23.66
CA PRO J 84 2.97 37.91 23.48
C PRO J 84 3.47 37.58 22.07
N SER J 85 2.54 37.25 21.16
CA SER J 85 2.90 36.90 19.79
C SER J 85 3.60 38.10 19.13
N GLY J 86 3.11 39.29 19.48
CA GLY J 86 3.62 40.53 18.93
C GLY J 86 2.51 41.57 18.73
N THR J 87 2.76 42.42 17.72
CA THR J 87 1.92 43.55 17.42
C THR J 87 1.32 43.32 16.04
N TRP J 88 -0.02 43.26 16.01
CA TRP J 88 -0.77 42.91 14.82
C TRP J 88 -1.67 44.07 14.39
N LEU J 89 -1.48 44.48 13.12
CA LEU J 89 -2.37 45.39 12.40
C LEU J 89 -3.45 44.55 11.74
N THR J 90 -4.69 44.62 12.25
CA THR J 90 -5.80 43.88 11.68
C THR J 90 -6.43 44.67 10.54
N TYR J 91 -6.96 43.96 9.53
CA TYR J 91 -7.65 44.66 8.46
C TYR J 91 -8.91 43.91 8.05
N THR J 92 -10.03 44.63 7.98
CA THR J 92 -11.26 44.01 7.51
C THR J 92 -12.03 44.95 6.58
N GLY J 93 -12.47 44.43 5.43
CA GLY J 93 -13.19 45.23 4.46
C GLY J 93 -14.06 44.40 3.50
N ALA J 94 -14.75 45.09 2.60
CA ALA J 94 -15.47 44.50 1.47
C ALA J 94 -15.32 45.39 0.24
N ILE J 95 -15.15 44.77 -0.93
CA ILE J 95 -15.14 45.51 -2.18
C ILE J 95 -16.40 45.11 -2.95
N LYS J 96 -17.14 46.12 -3.44
CA LYS J 96 -18.40 45.87 -4.14
C LYS J 96 -18.10 45.56 -5.61
N LEU J 97 -18.67 44.46 -6.12
CA LEU J 97 -18.53 44.14 -7.53
C LEU J 97 -19.60 44.87 -8.36
N ASP J 98 -19.25 45.25 -9.59
CA ASP J 98 -20.11 46.09 -10.44
C ASP J 98 -20.95 45.19 -11.33
N ASP J 99 -22.19 44.90 -10.92
CA ASP J 99 -22.99 43.85 -11.54
C ASP J 99 -23.64 44.33 -12.84
N LYS J 100 -23.14 45.44 -13.39
CA LYS J 100 -23.51 45.90 -14.72
C LYS J 100 -22.28 45.85 -15.62
N ASP J 101 -21.28 45.10 -15.18
CA ASP J 101 -20.08 44.88 -15.99
C ASP J 101 -20.27 43.56 -16.75
N PRO J 102 -20.11 43.58 -18.10
CA PRO J 102 -20.24 42.36 -18.92
C PRO J 102 -19.60 41.10 -18.34
N ASN J 103 -18.53 41.26 -17.57
CA ASN J 103 -17.77 40.10 -17.11
C ASN J 103 -18.10 39.79 -15.64
N PHE J 104 -19.17 40.38 -15.10
CA PHE J 104 -19.56 40.19 -13.71
C PHE J 104 -19.75 38.69 -13.38
N LYS J 105 -20.52 37.99 -14.21
CA LYS J 105 -20.78 36.58 -14.01
C LYS J 105 -19.46 35.82 -13.97
N ASP J 106 -18.56 36.13 -14.92
CA ASP J 106 -17.32 35.40 -15.09
C ASP J 106 -16.38 35.77 -13.94
N GLN J 107 -16.53 37.00 -13.46
CA GLN J 107 -15.78 37.46 -12.31
C GLN J 107 -16.23 36.65 -11.10
N VAL J 108 -17.54 36.50 -10.90
CA VAL J 108 -17.97 35.89 -9.66
C VAL J 108 -17.50 34.45 -9.65
N ILE J 109 -17.57 33.80 -10.81
CA ILE J 109 -17.30 32.38 -10.91
C ILE J 109 -15.79 32.17 -10.70
N LEU J 110 -15.00 33.03 -11.35
CA LEU J 110 -13.55 33.04 -11.14
C LEU J 110 -13.24 33.05 -9.65
N LEU J 111 -13.83 34.02 -8.91
CA LEU J 111 -13.51 34.21 -7.51
C LEU J 111 -13.99 33.03 -6.66
N ASN J 112 -15.10 32.40 -7.07
CA ASN J 112 -15.70 31.32 -6.29
C ASN J 112 -14.88 30.04 -6.41
N LYS J 113 -14.35 29.80 -7.61
CA LYS J 113 -13.52 28.66 -7.95
C LYS J 113 -12.28 28.60 -7.06
N HIS J 114 -11.86 29.77 -6.58
CA HIS J 114 -10.63 29.87 -5.82
C HIS J 114 -10.92 29.87 -4.32
N ILE J 115 -12.07 30.43 -3.89
CA ILE J 115 -12.36 30.64 -2.47
C ILE J 115 -12.65 29.30 -1.81
N ASP J 116 -11.78 28.91 -0.86
CA ASP J 116 -11.89 27.64 -0.16
C ASP J 116 -11.76 26.48 -1.15
N ALA J 117 -10.95 26.67 -2.20
CA ALA J 117 -10.68 25.63 -3.19
C ALA J 117 -9.93 24.47 -2.52
N TYR J 118 -9.12 24.78 -1.51
CA TYR J 118 -8.22 23.84 -0.87
C TYR J 118 -8.96 22.61 -0.35
N LYS J 119 -10.29 22.73 -0.14
CA LYS J 119 -11.02 21.72 0.62
C LYS J 119 -11.39 20.53 -0.26
N THR J 120 -11.05 20.60 -1.55
CA THR J 120 -11.46 19.60 -2.52
C THR J 120 -10.23 19.07 -3.24
N PHE J 121 -9.08 19.12 -2.54
CA PHE J 121 -7.78 18.68 -3.03
C PHE J 121 -7.60 17.18 -2.69
N SER K 13 -12.12 58.92 -9.68
CA SER K 13 -13.61 58.96 -9.86
C SER K 13 -14.04 57.86 -10.82
N LYS K 14 -13.45 57.87 -12.04
CA LYS K 14 -13.78 56.93 -13.09
C LYS K 14 -13.27 55.54 -12.71
N LYS K 15 -12.17 55.52 -11.95
CA LYS K 15 -11.52 54.30 -11.48
C LYS K 15 -12.42 53.57 -10.48
N PRO K 16 -12.47 52.21 -10.52
CA PRO K 16 -13.20 51.45 -9.50
C PRO K 16 -12.57 51.83 -8.15
N ARG K 17 -13.43 51.93 -7.12
CA ARG K 17 -13.11 52.39 -5.78
C ARG K 17 -11.78 51.82 -5.26
N GLN K 18 -11.51 50.54 -5.51
CA GLN K 18 -10.37 49.91 -4.86
C GLN K 18 -9.06 50.17 -5.63
N LYS K 19 -9.13 50.87 -6.76
CA LYS K 19 -7.92 51.22 -7.49
C LYS K 19 -7.64 52.72 -7.44
N ARG K 20 -8.41 53.44 -6.60
CA ARG K 20 -8.33 54.89 -6.49
C ARG K 20 -7.08 55.31 -5.71
N THR K 21 -6.52 56.47 -6.09
CA THR K 21 -5.48 57.17 -5.34
C THR K 21 -6.07 58.43 -4.70
N ALA K 22 -6.08 58.50 -3.37
CA ALA K 22 -6.46 59.76 -2.72
C ALA K 22 -5.29 60.74 -2.76
N THR K 23 -5.59 61.98 -3.17
CA THR K 23 -4.66 63.10 -3.21
C THR K 23 -5.31 64.30 -2.55
N LYS K 24 -4.59 65.44 -2.47
CA LYS K 24 -5.19 66.68 -1.97
C LYS K 24 -6.34 67.12 -2.88
N ALA K 25 -6.20 66.87 -4.19
CA ALA K 25 -7.25 67.15 -5.15
C ALA K 25 -8.46 66.23 -4.92
N TYR K 26 -8.21 64.91 -4.94
CA TYR K 26 -9.24 63.88 -4.80
C TYR K 26 -9.10 63.18 -3.43
N ASN K 27 -9.72 63.74 -2.38
CA ASN K 27 -9.39 63.33 -1.03
C ASN K 27 -10.04 62.00 -0.62
N VAL K 28 -9.62 61.49 0.55
CA VAL K 28 -10.09 60.23 1.10
C VAL K 28 -11.63 60.25 1.25
N THR K 29 -12.19 61.30 1.86
CA THR K 29 -13.64 61.45 1.87
C THR K 29 -14.15 61.23 0.45
N GLN K 30 -13.64 61.99 -0.52
CA GLN K 30 -14.14 61.91 -1.89
C GLN K 30 -13.92 60.51 -2.52
N ALA K 31 -12.78 59.88 -2.22
CA ALA K 31 -12.44 58.67 -2.94
C ALA K 31 -13.06 57.44 -2.28
N PHE K 32 -13.33 57.53 -0.98
CA PHE K 32 -13.65 56.33 -0.23
C PHE K 32 -14.79 56.56 0.77
N GLY K 33 -15.44 57.71 0.74
CA GLY K 33 -16.57 57.92 1.65
C GLY K 33 -16.10 58.23 3.06
N ARG K 34 -17.00 58.76 3.89
CA ARG K 34 -16.62 59.26 5.20
C ARG K 34 -16.13 58.11 6.08
N ARG K 35 -15.36 58.45 7.11
CA ARG K 35 -15.14 57.51 8.19
C ARG K 35 -16.48 57.34 8.94
N GLY K 36 -16.75 56.11 9.39
CA GLY K 36 -17.97 55.79 10.11
C GLY K 36 -17.83 54.48 10.86
N PRO K 37 -18.86 54.02 11.61
CA PRO K 37 -18.86 52.70 12.25
C PRO K 37 -19.62 51.61 11.50
N GLU K 38 -20.20 51.93 10.35
CA GLU K 38 -20.98 50.91 9.67
C GLU K 38 -20.02 49.91 9.03
N GLN K 39 -20.52 48.72 8.71
CA GLN K 39 -19.62 47.63 8.42
C GLN K 39 -18.86 47.85 7.13
N THR K 40 -19.42 48.67 6.23
CA THR K 40 -18.87 48.82 4.89
C THR K 40 -18.14 50.16 4.75
N GLN K 41 -18.00 50.90 5.86
CA GLN K 41 -17.24 52.14 5.91
C GLN K 41 -15.82 51.85 6.38
N GLY K 42 -14.90 52.73 6.00
CA GLY K 42 -13.54 52.72 6.49
C GLY K 42 -13.44 53.53 7.78
N ASN K 43 -12.35 53.39 8.55
CA ASN K 43 -12.22 54.13 9.79
C ASN K 43 -10.80 54.64 10.05
N PHE K 44 -9.93 54.51 9.04
CA PHE K 44 -8.55 54.96 9.12
C PHE K 44 -8.42 56.38 8.59
N GLY K 45 -7.68 57.22 9.33
CA GLY K 45 -7.32 58.57 8.93
C GLY K 45 -7.76 59.61 9.95
N ASP K 46 -6.80 60.38 10.47
CA ASP K 46 -7.07 61.67 11.11
C ASP K 46 -7.37 62.73 10.04
N GLN K 47 -7.73 63.93 10.50
CA GLN K 47 -8.29 64.97 9.65
C GLN K 47 -7.36 65.30 8.48
N GLU K 48 -6.05 65.17 8.69
CA GLU K 48 -5.05 65.66 7.75
C GLU K 48 -4.64 64.58 6.75
N LEU K 49 -4.69 63.31 7.18
CA LEU K 49 -4.52 62.25 6.20
C LEU K 49 -5.74 62.23 5.27
N ILE K 50 -6.93 62.57 5.81
CA ILE K 50 -8.17 62.58 5.04
C ILE K 50 -8.05 63.61 3.91
N ARG K 51 -7.58 64.81 4.26
CA ARG K 51 -7.36 65.92 3.33
C ARG K 51 -6.33 65.56 2.26
N GLN K 52 -5.26 64.86 2.64
CA GLN K 52 -4.05 64.93 1.85
C GLN K 52 -3.76 63.65 1.09
N GLY K 53 -4.50 62.58 1.45
CA GLY K 53 -4.30 61.22 0.99
C GLY K 53 -2.82 60.89 0.86
N THR K 54 -2.39 60.51 -0.35
CA THR K 54 -1.02 60.07 -0.59
C THR K 54 -0.03 61.24 -0.56
N ASP K 55 -0.51 62.47 -0.43
CA ASP K 55 0.37 63.63 -0.33
C ASP K 55 0.60 63.98 1.14
N TYR K 56 0.20 63.07 2.03
CA TYR K 56 0.56 63.13 3.44
C TYR K 56 2.08 63.01 3.52
N LYS K 57 2.67 63.81 4.42
CA LYS K 57 4.10 63.87 4.67
C LYS K 57 4.64 62.47 4.97
N HIS K 58 3.88 61.65 5.71
CA HIS K 58 4.36 60.36 6.20
C HIS K 58 3.69 59.20 5.47
N TRP K 59 3.13 59.45 4.29
CA TRP K 59 2.43 58.39 3.59
C TRP K 59 3.32 57.16 3.39
N PRO K 60 4.62 57.29 3.02
CA PRO K 60 5.45 56.10 2.81
C PRO K 60 5.44 55.21 4.03
N GLN K 61 5.41 55.82 5.22
CA GLN K 61 5.51 55.09 6.47
C GLN K 61 4.27 54.20 6.66
N ILE K 62 3.17 54.63 6.01
CA ILE K 62 1.87 53.99 6.17
C ILE K 62 1.74 52.92 5.09
N ALA K 63 1.82 53.34 3.82
CA ALA K 63 1.76 52.46 2.67
C ALA K 63 2.52 51.16 2.90
N GLN K 64 3.60 51.20 3.69
CA GLN K 64 4.53 50.09 3.74
C GLN K 64 3.86 48.87 4.35
N PHE K 65 2.66 49.07 4.91
CA PHE K 65 1.91 47.99 5.53
C PHE K 65 0.81 47.48 4.59
N ALA K 66 0.50 48.24 3.53
CA ALA K 66 -0.58 47.94 2.61
C ALA K 66 -0.15 46.80 1.69
N PRO K 67 -0.95 45.71 1.59
CA PRO K 67 -0.51 44.48 0.93
C PRO K 67 -0.47 44.65 -0.56
N SER K 68 0.48 43.99 -1.24
CA SER K 68 0.44 43.80 -2.69
C SER K 68 -0.75 42.91 -3.07
N ALA K 69 -1.14 42.91 -4.36
CA ALA K 69 -2.20 42.06 -4.90
C ALA K 69 -1.99 40.59 -4.52
N SER K 70 -0.78 40.08 -4.80
CA SER K 70 -0.44 38.70 -4.49
C SER K 70 -0.65 38.43 -2.99
N ALA K 71 -0.09 39.30 -2.15
CA ALA K 71 -0.22 39.12 -0.71
C ALA K 71 -1.66 39.32 -0.26
N PHE K 72 -2.37 40.26 -0.89
CA PHE K 72 -3.77 40.44 -0.53
C PHE K 72 -4.43 39.07 -0.58
N PHE K 73 -4.22 38.36 -1.70
CA PHE K 73 -4.93 37.12 -2.00
C PHE K 73 -4.31 35.95 -1.22
N GLY K 74 -2.98 36.04 -0.99
CA GLY K 74 -2.23 35.00 -0.32
C GLY K 74 -2.54 34.89 1.18
N MET K 75 -2.72 36.03 1.87
CA MET K 75 -2.83 35.98 3.31
C MET K 75 -4.28 35.98 3.80
N SER K 76 -5.19 36.69 3.10
CA SER K 76 -6.44 37.14 3.69
C SER K 76 -7.48 36.02 3.80
N ARG K 77 -8.38 36.12 4.78
CA ARG K 77 -9.55 35.26 4.79
C ARG K 77 -10.59 35.86 3.84
N ILE K 78 -10.61 35.33 2.58
CA ILE K 78 -11.37 35.83 1.43
C ILE K 78 -12.74 35.17 1.39
N GLY K 79 -13.79 35.96 1.10
CA GLY K 79 -15.17 35.45 1.15
C GLY K 79 -16.08 36.20 0.18
N MET K 80 -17.33 35.71 0.07
CA MET K 80 -18.31 36.27 -0.84
C MET K 80 -19.65 36.45 -0.10
N GLU K 81 -20.34 37.57 -0.36
CA GLU K 81 -21.61 37.90 0.25
C GLU K 81 -22.55 38.48 -0.82
N VAL K 82 -23.73 37.85 -0.98
CA VAL K 82 -24.71 38.27 -1.97
C VAL K 82 -25.89 38.86 -1.21
N THR K 83 -26.11 40.16 -1.42
CA THR K 83 -27.05 40.94 -0.62
C THR K 83 -27.91 41.83 -1.50
N PRO K 84 -29.09 42.26 -1.01
CA PRO K 84 -29.92 43.20 -1.75
C PRO K 84 -29.13 44.43 -2.21
N SER K 85 -28.04 44.75 -1.50
CA SER K 85 -27.23 45.91 -1.82
C SER K 85 -26.05 45.51 -2.69
N GLY K 86 -25.98 44.22 -3.08
CA GLY K 86 -24.99 43.79 -4.05
C GLY K 86 -24.09 42.62 -3.62
N THR K 87 -23.08 42.37 -4.46
CA THR K 87 -22.13 41.27 -4.35
C THR K 87 -20.80 41.84 -3.89
N TRP K 88 -20.32 41.30 -2.76
CA TRP K 88 -19.17 41.86 -2.06
C TRP K 88 -18.13 40.76 -1.93
N LEU K 89 -16.93 41.01 -2.45
CA LEU K 89 -15.77 40.22 -2.09
C LEU K 89 -15.23 40.73 -0.75
N THR K 90 -15.18 39.82 0.21
CA THR K 90 -14.79 40.19 1.56
C THR K 90 -13.33 39.77 1.78
N TYR K 91 -12.68 40.48 2.70
CA TYR K 91 -11.30 40.19 3.07
C TYR K 91 -11.01 40.66 4.50
N THR K 92 -10.53 39.73 5.32
CA THR K 92 -9.90 40.03 6.60
C THR K 92 -8.51 39.40 6.66
N GLY K 93 -7.70 39.89 7.61
CA GLY K 93 -6.35 39.41 7.84
C GLY K 93 -5.67 40.19 8.96
N ALA K 94 -4.37 39.99 9.09
CA ALA K 94 -3.62 40.76 10.06
C ALA K 94 -2.16 40.67 9.67
N ILE K 95 -1.50 41.82 9.70
CA ILE K 95 -0.08 41.91 9.39
C ILE K 95 0.70 42.11 10.69
N LYS K 96 1.80 41.38 10.81
CA LYS K 96 2.61 41.43 12.02
C LYS K 96 3.67 42.50 11.82
N LEU K 97 3.78 43.43 12.78
CA LEU K 97 4.79 44.48 12.76
C LEU K 97 6.12 43.86 13.21
N ASP K 98 7.22 44.22 12.54
CA ASP K 98 8.53 43.71 12.93
C ASP K 98 9.04 44.54 14.10
N ASP K 99 9.31 43.91 15.25
CA ASP K 99 9.56 44.69 16.44
C ASP K 99 11.05 44.77 16.75
N LYS K 100 11.86 44.19 15.86
CA LYS K 100 13.31 44.41 15.80
C LYS K 100 13.58 45.63 14.92
N ASP K 101 12.53 46.10 14.23
CA ASP K 101 12.67 47.22 13.30
C ASP K 101 12.97 48.48 14.09
N PRO K 102 14.11 49.17 13.81
CA PRO K 102 14.46 50.36 14.56
C PRO K 102 13.39 51.46 14.53
N ASN K 103 12.41 51.40 13.62
CA ASN K 103 11.37 52.42 13.55
C ASN K 103 10.04 51.90 14.10
N PHE K 104 10.10 50.72 14.75
CA PHE K 104 8.94 50.05 15.29
C PHE K 104 8.14 50.99 16.22
N LYS K 105 8.82 51.75 17.07
CA LYS K 105 8.14 52.56 18.07
C LYS K 105 7.41 53.72 17.39
N ASP K 106 8.03 54.29 16.33
CA ASP K 106 7.44 55.31 15.48
C ASP K 106 6.23 54.78 14.71
N GLN K 107 6.34 53.54 14.23
CA GLN K 107 5.27 52.82 13.54
C GLN K 107 4.04 52.71 14.43
N VAL K 108 4.22 52.20 15.65
CA VAL K 108 3.12 51.98 16.58
C VAL K 108 2.40 53.29 16.86
N ILE K 109 3.14 54.40 16.84
CA ILE K 109 2.63 55.68 17.28
C ILE K 109 1.85 56.31 16.14
N LEU K 110 2.44 56.22 14.94
CA LEU K 110 1.82 56.73 13.72
C LEU K 110 0.50 56.01 13.48
N LEU K 111 0.47 54.69 13.71
CA LEU K 111 -0.73 53.95 13.37
C LEU K 111 -1.81 54.18 14.42
N ASN K 112 -1.40 54.57 15.64
CA ASN K 112 -2.36 54.80 16.71
C ASN K 112 -3.09 56.11 16.42
N LYS K 113 -2.36 57.10 15.87
CA LYS K 113 -2.89 58.43 15.58
C LYS K 113 -4.02 58.38 14.57
N HIS K 114 -3.99 57.40 13.66
CA HIS K 114 -4.91 57.37 12.54
C HIS K 114 -6.08 56.44 12.77
N ILE K 115 -5.86 55.38 13.57
CA ILE K 115 -6.86 54.32 13.78
C ILE K 115 -8.00 54.92 14.60
N ASP K 116 -9.22 54.88 14.00
CA ASP K 116 -10.46 55.34 14.62
C ASP K 116 -10.31 56.79 15.09
N ALA K 117 -9.35 57.49 14.47
CA ALA K 117 -9.11 58.90 14.67
C ALA K 117 -10.43 59.68 14.72
N TYR K 118 -11.34 59.36 13.80
CA TYR K 118 -12.58 60.08 13.58
C TYR K 118 -13.42 60.23 14.85
N LYS K 119 -13.15 59.45 15.89
CA LYS K 119 -14.10 59.40 16.99
C LYS K 119 -13.82 60.53 17.96
N THR K 120 -12.61 61.06 17.85
CA THR K 120 -12.15 62.09 18.77
C THR K 120 -11.91 63.39 17.98
N PHE K 121 -12.61 63.54 16.84
CA PHE K 121 -12.58 64.74 15.99
C PHE K 121 -13.47 65.82 16.58
N PRO K 122 -12.97 67.07 16.71
CA PRO K 122 -13.72 68.15 17.37
C PRO K 122 -15.03 68.49 16.63
N GLU L 9 1.27 30.23 15.73
CA GLU L 9 1.72 31.60 15.35
C GLU L 9 1.13 32.63 16.32
N VAL L 10 -0.20 32.64 16.43
CA VAL L 10 -0.88 33.69 17.17
C VAL L 10 -1.30 33.24 18.57
N VAL L 11 -1.36 31.93 18.82
CA VAL L 11 -1.61 31.47 20.18
C VAL L 11 -0.29 31.15 20.88
N VAL L 12 -0.14 31.68 22.10
CA VAL L 12 1.03 31.40 22.92
C VAL L 12 0.59 30.95 24.30
N ALA L 13 1.27 29.90 24.77
CA ALA L 13 1.16 29.34 26.10
C ALA L 13 2.45 29.66 26.83
N THR L 14 2.36 30.43 27.93
CA THR L 14 3.52 30.78 28.75
C THR L 14 3.35 30.24 30.17
N PRO L 15 4.11 29.20 30.59
CA PRO L 15 3.92 28.56 31.89
C PRO L 15 3.98 29.48 33.12
N THR L 16 2.90 29.44 33.91
CA THR L 16 2.79 30.03 35.23
C THR L 16 1.31 30.25 35.56
N HIS L 18 0.06 27.34 33.21
CA HIS L 18 0.14 28.00 31.88
C HIS L 18 -0.93 29.06 31.68
N LEU L 19 -0.58 30.03 30.86
CA LEU L 19 -1.41 31.16 30.48
C LEU L 19 -1.49 31.10 28.96
N ILE L 20 -2.71 31.21 28.43
CA ILE L 20 -2.83 31.21 26.99
C ILE L 20 -3.28 32.61 26.59
N SER L 21 -2.67 33.10 25.53
CA SER L 21 -3.13 34.37 25.00
C SER L 21 -3.09 34.32 23.47
N TRP L 22 -3.85 35.24 22.89
CA TRP L 22 -4.12 35.27 21.46
C TRP L 22 -4.56 36.67 21.11
N PRO L 23 -4.30 37.15 19.87
CA PRO L 23 -4.75 38.48 19.46
C PRO L 23 -6.18 38.39 18.91
N ASN L 24 -7.00 39.43 19.12
CA ASN L 24 -8.39 39.41 18.69
C ASN L 24 -8.40 39.65 17.18
N LEU L 25 -8.70 38.62 16.39
CA LEU L 25 -8.66 38.87 14.95
C LEU L 25 -10.04 38.80 14.34
N TRP L 26 -11.11 39.08 15.10
CA TRP L 26 -12.46 38.90 14.59
C TRP L 26 -13.23 40.22 14.63
N TYR L 27 -14.35 40.25 13.90
CA TYR L 27 -15.28 41.38 13.91
C TYR L 27 -16.34 41.19 15.01
N LYS L 28 -16.37 42.12 15.97
CA LYS L 28 -17.42 42.23 16.98
C LYS L 28 -17.56 40.91 17.75
N VAL L 29 -16.51 40.55 18.51
CA VAL L 29 -16.50 39.36 19.36
C VAL L 29 -17.46 39.60 20.53
N ARG L 30 -18.28 38.58 20.85
CA ARG L 30 -19.17 38.65 22.01
C ARG L 30 -18.48 37.93 23.17
N TYR L 31 -18.12 36.67 22.93
CA TYR L 31 -17.24 35.88 23.79
C TYR L 31 -16.44 34.92 22.92
N TYR L 32 -15.50 34.18 23.54
CA TYR L 32 -14.70 33.11 22.94
C TYR L 32 -15.06 31.78 23.58
N ARG L 33 -14.74 30.67 22.88
CA ARG L 33 -14.84 29.32 23.40
C ARG L 33 -13.49 28.62 23.20
N ILE L 34 -12.92 28.08 24.30
CA ILE L 34 -11.64 27.39 24.25
C ILE L 34 -11.81 25.90 24.49
N THR L 35 -11.14 25.12 23.63
CA THR L 35 -11.09 23.68 23.74
C THR L 35 -9.64 23.25 23.92
N TYR L 36 -9.43 22.43 24.96
CA TYR L 36 -8.15 21.81 25.22
C TYR L 36 -8.38 20.32 25.45
N GLY L 37 -7.55 19.54 24.76
CA GLY L 37 -7.51 18.11 24.92
C GLY L 37 -6.26 17.53 24.28
N GLU L 38 -6.07 16.23 24.52
CA GLU L 38 -4.96 15.49 23.96
C GLU L 38 -5.28 15.24 22.48
N THR L 39 -4.29 15.43 21.61
CA THR L 39 -4.35 15.02 20.21
C THR L 39 -4.95 13.61 20.09
N GLY L 40 -6.25 13.53 19.77
CA GLY L 40 -6.97 12.26 19.79
C GLY L 40 -7.45 11.86 21.18
N GLY L 41 -7.00 10.71 21.67
CA GLY L 41 -7.32 10.32 23.03
C GLY L 41 -8.63 9.55 23.14
N ASN L 42 -8.96 9.17 24.38
CA ASN L 42 -10.12 8.33 24.66
C ASN L 42 -11.07 9.14 25.55
N SER L 43 -10.92 10.48 25.48
CA SER L 43 -11.95 11.39 25.97
C SER L 43 -12.03 12.56 25.00
N PRO L 44 -13.17 13.27 24.90
CA PRO L 44 -13.32 14.37 23.97
C PRO L 44 -12.66 15.60 24.59
N VAL L 45 -12.61 16.69 23.83
CA VAL L 45 -12.00 17.92 24.31
C VAL L 45 -12.85 18.49 25.45
N GLN L 46 -12.21 19.24 26.35
CA GLN L 46 -12.93 20.07 27.31
C GLN L 46 -13.12 21.48 26.74
N GLU L 47 -14.23 22.10 27.13
CA GLU L 47 -14.61 23.39 26.59
C GLU L 47 -14.89 24.35 27.75
N PHE L 48 -14.41 25.60 27.61
CA PHE L 48 -14.84 26.71 28.47
C PHE L 48 -14.93 28.03 27.71
N THR L 49 -15.76 28.92 28.25
CA THR L 49 -16.01 30.25 27.68
C THR L 49 -15.23 31.31 28.43
N VAL L 50 -14.73 32.29 27.66
CA VAL L 50 -14.00 33.45 28.16
C VAL L 50 -14.75 34.70 27.68
N PRO L 51 -15.03 35.70 28.55
CA PRO L 51 -15.66 36.95 28.11
C PRO L 51 -14.76 37.55 27.04
N GLY L 52 -15.35 38.34 26.12
CA GLY L 52 -14.72 38.83 24.91
C GLY L 52 -13.88 40.09 25.12
N SER L 53 -14.12 40.78 26.24
CA SER L 53 -13.21 41.80 26.71
C SER L 53 -11.77 41.27 26.81
N LYS L 54 -11.58 40.08 27.40
CA LYS L 54 -10.25 39.56 27.67
C LYS L 54 -9.65 38.84 26.47
N SER L 55 -8.37 38.48 26.57
CA SER L 55 -7.68 37.79 25.49
C SER L 55 -6.63 36.84 26.03
N THR L 56 -6.86 36.33 27.24
CA THR L 56 -5.98 35.35 27.90
C THR L 56 -6.79 34.36 28.73
N ALA L 57 -6.12 33.27 29.08
CA ALA L 57 -6.69 32.24 29.94
C ALA L 57 -5.55 31.38 30.45
N THR L 58 -5.65 30.94 31.71
CA THR L 58 -4.79 29.93 32.29
C THR L 58 -5.48 28.57 32.18
N ILE L 59 -4.69 27.50 31.97
CA ILE L 59 -5.25 26.15 31.87
C ILE L 59 -4.59 25.23 32.92
N SER L 60 -5.43 24.67 33.82
CA SER L 60 -5.00 23.92 35.00
C SER L 60 -4.79 22.43 34.71
N GLY L 61 -4.69 21.66 35.80
CA GLY L 61 -4.27 20.25 35.90
C GLY L 61 -4.26 19.45 34.60
N LEU L 62 -3.31 19.75 33.71
CA LEU L 62 -3.11 18.95 32.52
C LEU L 62 -1.78 18.18 32.60
N LYS L 63 -1.80 16.94 32.07
CA LYS L 63 -0.66 16.03 32.11
C LYS L 63 0.49 16.59 31.29
N PRO L 64 1.74 16.51 31.80
CA PRO L 64 2.93 16.83 31.00
C PRO L 64 3.29 15.63 30.13
N GLY L 65 4.19 15.85 29.15
CA GLY L 65 4.70 14.79 28.29
C GLY L 65 3.81 14.51 27.08
N VAL L 66 2.49 14.58 27.29
CA VAL L 66 1.49 14.34 26.26
C VAL L 66 1.23 15.62 25.48
N ASP L 67 0.98 15.46 24.17
CA ASP L 67 0.68 16.52 23.22
C ASP L 67 -0.72 17.07 23.50
N TYR L 68 -0.90 18.36 23.28
CA TYR L 68 -2.23 18.94 23.46
C TYR L 68 -2.60 19.85 22.30
N THR L 69 -3.92 19.93 22.06
CA THR L 69 -4.55 20.85 21.13
C THR L 69 -5.40 21.84 21.93
N ILE L 70 -4.99 23.14 21.91
CA ILE L 70 -5.76 24.27 22.39
C ILE L 70 -6.28 25.02 21.17
N THR L 71 -7.59 25.28 21.19
CA THR L 71 -8.27 25.92 20.07
C THR L 71 -9.08 27.11 20.58
N VAL L 72 -8.82 28.26 19.97
CA VAL L 72 -9.62 29.44 20.24
C VAL L 72 -10.67 29.61 19.15
N TYR L 73 -11.93 29.68 19.60
CA TYR L 73 -13.09 29.96 18.76
C TYR L 73 -13.70 31.28 19.22
N ALA L 74 -14.02 32.16 18.28
CA ALA L 74 -14.64 33.43 18.63
C ALA L 74 -16.10 33.40 18.22
N VAL L 75 -16.97 33.74 19.18
CA VAL L 75 -18.40 33.87 18.92
C VAL L 75 -18.70 35.36 18.71
N THR L 76 -19.16 35.69 17.49
CA THR L 76 -19.27 37.07 17.03
C THR L 76 -20.71 37.39 16.66
N LYS L 77 -20.99 38.69 16.48
CA LYS L 77 -22.23 39.16 15.86
C LYS L 77 -22.19 38.78 14.38
N ARG L 78 -23.39 38.57 13.80
CA ARG L 78 -23.51 38.28 12.37
C ARG L 78 -22.95 39.48 11.61
N SER L 79 -22.12 39.18 10.59
CA SER L 79 -21.35 40.16 9.85
C SER L 79 -21.02 39.60 8.45
N PHE L 80 -20.44 40.45 7.61
CA PHE L 80 -20.00 40.09 6.27
C PHE L 80 -18.74 39.22 6.31
N TRP L 81 -18.23 38.92 7.52
CA TRP L 81 -16.99 38.15 7.65
C TRP L 81 -17.22 36.89 8.48
N SER L 82 -18.49 36.58 8.76
CA SER L 82 -18.80 35.38 9.51
C SER L 82 -18.58 34.17 8.61
N ASN L 83 -18.75 34.42 7.31
CA ASN L 83 -18.72 33.46 6.23
C ASN L 83 -17.36 32.77 6.14
N SER L 84 -16.31 33.52 6.44
CA SER L 84 -14.95 33.09 6.17
C SER L 84 -14.19 32.82 7.48
N ALA L 85 -14.86 33.02 8.62
CA ALA L 85 -14.19 33.06 9.91
C ALA L 85 -13.67 31.67 10.25
N GLY L 86 -12.47 31.65 10.84
CA GLY L 86 -11.86 30.43 11.32
C GLY L 86 -11.30 30.58 12.74
N PRO L 87 -11.04 29.44 13.42
CA PRO L 87 -10.49 29.48 14.77
C PRO L 87 -8.97 29.43 14.67
N ILE L 88 -8.37 29.34 15.85
CA ILE L 88 -6.95 29.55 16.04
C ILE L 88 -6.49 28.47 17.03
N SER L 89 -5.50 27.68 16.62
CA SER L 89 -5.15 26.49 17.38
C SER L 89 -3.66 26.43 17.69
N ILE L 90 -3.33 25.90 18.88
CA ILE L 90 -1.95 25.61 19.25
C ILE L 90 -1.81 24.12 19.55
N ASN L 91 -0.68 23.56 19.08
CA ASN L 91 -0.26 22.22 19.48
C ASN L 91 0.92 22.31 20.47
N TYR L 92 0.62 22.09 21.75
CA TYR L 92 1.57 22.20 22.83
C TYR L 92 1.87 20.81 23.42
N ARG L 93 3.11 20.61 23.89
CA ARG L 93 3.55 19.35 24.51
C ARG L 93 3.50 19.45 26.04
S SO4 M . 32.88 -50.38 10.45
O1 SO4 M . 33.21 -51.37 9.43
O2 SO4 M . 34.04 -49.57 10.73
O3 SO4 M . 31.84 -49.50 9.96
O4 SO4 M . 32.44 -51.02 11.66
S SO4 N . -8.64 16.15 -46.98
O1 SO4 N . -9.25 15.15 -47.82
O2 SO4 N . -7.62 16.82 -47.74
O3 SO4 N . -9.62 17.10 -46.49
O4 SO4 N . -8.03 15.49 -45.83
S SO4 O . -25.97 -28.71 27.60
O1 SO4 O . -25.22 -29.85 27.11
O2 SO4 O . -25.25 -27.48 27.31
O3 SO4 O . -27.25 -28.68 26.92
O4 SO4 O . -26.14 -28.83 29.03
S SO4 P . -0.88 64.98 11.72
O1 SO4 P . -1.04 63.55 11.50
O2 SO4 P . -0.69 65.68 10.49
O3 SO4 P . -2.06 65.48 12.38
O4 SO4 P . 0.28 65.23 12.53
#